data_7FSI
#
_entry.id   7FSI
#
_cell.length_a   80.775
_cell.length_b   49.585
_cell.length_c   115.684
_cell.angle_alpha   90.000
_cell.angle_beta   94.830
_cell.angle_gamma   90.000
#
_symmetry.space_group_name_H-M   'P 1 21 1'
#
loop_
_entity.id
_entity.type
_entity.pdbx_description
1 polymer Syntenin-1
2 non-polymer 1,2-ETHANEDIOL
3 non-polymer 'D-GLUTAMIC ACID'
4 non-polymer 'methyl 4-sulfamoylbenzoate'
5 non-polymer 'SULFATE ION'
6 non-polymer GLYCINE
7 non-polymer ALANINE
8 water water
#
_entity_poly.entity_id   1
_entity_poly.type   'polypeptide(L)'
_entity_poly.pdbx_seq_one_letter_code
;SMAEIKQGIREVILCKDQDGKIGLRLKSIDNGIFVQLVQANSPASLVGLRFGDQVLQINGENCAGWSSDKAHKVLKQAFG
EKITMTIRDRPFERTITMHKDSTGHVGFIFKNGKITSIVKDSSAARNGLLTEHNICEINGQNVIGLKDSQIADILSTSGT
VVTITIMPAFIFEHIIKRMAPSIMKSLMDHTIPEV
;
_entity_poly.pdbx_strand_id   A,B,C,D
#
loop_
_chem_comp.id
_chem_comp.type
_chem_comp.name
_chem_comp.formula
EDO non-polymer 1,2-ETHANEDIOL 'C2 H6 O2'
RZG non-polymer 'methyl 4-sulfamoylbenzoate' 'C8 H9 N O4 S'
SO4 non-polymer 'SULFATE ION' 'O4 S -2'
#
# COMPACT_ATOMS: atom_id res chain seq x y z
N ILE A 5 24.15 7.21 13.55
CA ILE A 5 23.26 7.48 12.36
C ILE A 5 23.90 8.66 11.61
N LYS A 6 24.52 8.42 10.44
CA LYS A 6 25.19 9.44 9.58
C LYS A 6 24.14 10.39 8.95
N GLN A 7 24.40 11.70 8.99
CA GLN A 7 23.42 12.79 8.69
C GLN A 7 23.34 13.02 7.18
N GLY A 8 22.96 12.00 6.41
CA GLY A 8 22.53 12.14 5.01
C GLY A 8 22.58 10.84 4.24
N ILE A 9 22.76 10.98 2.93
CA ILE A 9 22.65 9.91 1.91
C ILE A 9 24.05 9.45 1.53
N ARG A 10 24.23 8.17 1.16
CA ARG A 10 25.53 7.62 0.71
C ARG A 10 25.31 6.63 -0.44
N GLU A 11 26.35 6.46 -1.27
CA GLU A 11 26.38 5.55 -2.44
C GLU A 11 27.14 4.28 -2.03
N VAL A 12 26.58 3.10 -2.30
CA VAL A 12 27.28 1.79 -2.08
C VAL A 12 27.24 1.03 -3.41
N ILE A 13 28.37 0.46 -3.80
CA ILE A 13 28.46 -0.37 -5.05
C ILE A 13 28.62 -1.84 -4.63
N LEU A 14 27.71 -2.69 -5.13
CA LEU A 14 27.60 -4.12 -4.74
C LEU A 14 27.87 -5.02 -5.95
N CYS A 15 28.38 -6.22 -5.69
CA CYS A 15 28.66 -7.27 -6.71
C CYS A 15 28.18 -8.62 -6.18
N LYS A 16 27.16 -9.20 -6.83
CA LYS A 16 26.58 -10.53 -6.51
C LYS A 16 27.70 -11.53 -6.23
N ASP A 17 27.53 -12.41 -5.24
CA ASP A 17 28.49 -13.50 -4.94
C ASP A 17 28.33 -14.56 -6.04
N GLN A 18 29.17 -15.60 -6.04
CA GLN A 18 29.23 -16.55 -7.18
C GLN A 18 27.91 -17.31 -7.31
N ASP A 19 27.00 -17.19 -6.34
CA ASP A 19 25.62 -17.78 -6.39
C ASP A 19 24.58 -16.80 -6.93
N GLY A 20 24.95 -15.54 -7.23
CA GLY A 20 23.99 -14.50 -7.69
C GLY A 20 23.18 -13.91 -6.55
N LYS A 21 23.70 -13.98 -5.33
CA LYS A 21 23.05 -13.49 -4.10
C LYS A 21 23.73 -12.18 -3.70
N ILE A 22 22.99 -11.23 -3.11
CA ILE A 22 23.60 -10.01 -2.51
C ILE A 22 23.41 -10.05 -1.00
N GLY A 23 22.41 -10.78 -0.53
CA GLY A 23 22.27 -11.19 0.87
C GLY A 23 21.35 -10.24 1.62
N LEU A 24 20.22 -9.92 1.01
CA LEU A 24 19.36 -8.76 1.37
C LEU A 24 17.88 -9.11 1.18
N ARG A 25 17.07 -8.88 2.20
CA ARG A 25 15.59 -8.79 2.05
C ARG A 25 15.19 -7.32 2.32
N LEU A 26 14.21 -6.84 1.55
CA LEU A 26 13.69 -5.46 1.51
C LEU A 26 12.20 -5.48 1.87
N LYS A 27 11.72 -4.45 2.57
CA LYS A 27 10.30 -4.33 3.01
C LYS A 27 9.80 -2.94 2.63
N SER A 28 8.66 -2.87 1.96
CA SER A 28 7.93 -1.61 1.71
C SER A 28 7.43 -1.04 3.05
N ILE A 29 7.88 0.16 3.43
CA ILE A 29 7.32 0.96 4.58
C ILE A 29 6.98 2.37 4.08
N ASP A 30 5.77 2.85 4.36
CA ASP A 30 5.33 4.25 4.08
C ASP A 30 5.89 4.70 2.71
N ASN A 31 5.71 3.92 1.64
CA ASN A 31 6.11 4.26 0.24
C ASN A 31 7.63 4.47 0.07
N GLY A 32 8.42 3.95 1.01
CA GLY A 32 9.86 3.80 0.81
C GLY A 32 10.23 2.34 0.78
N ILE A 33 11.52 2.05 0.75
CA ILE A 33 12.02 0.65 0.82
C ILE A 33 13.14 0.60 1.85
N PHE A 34 13.03 -0.36 2.73
CA PHE A 34 13.85 -0.52 3.95
C PHE A 34 14.45 -1.93 3.94
N VAL A 35 15.67 -2.05 4.47
CA VAL A 35 16.38 -3.34 4.68
C VAL A 35 15.68 -4.05 5.86
N GLN A 36 15.10 -5.23 5.59
CA GLN A 36 14.47 -6.16 6.56
C GLN A 36 15.52 -7.12 7.14
N LEU A 37 16.50 -7.55 6.34
CA LEU A 37 17.50 -8.61 6.72
C LEU A 37 18.79 -8.40 5.92
N VAL A 38 19.93 -8.47 6.62
CA VAL A 38 21.27 -8.56 5.98
C VAL A 38 21.90 -9.89 6.41
N GLN A 39 22.17 -10.74 5.41
CA GLN A 39 22.77 -12.09 5.56
C GLN A 39 24.25 -11.90 5.94
N ALA A 40 24.72 -12.67 6.93
CA ALA A 40 26.16 -12.76 7.29
C ALA A 40 26.92 -13.21 6.03
N ASN A 41 28.12 -12.66 5.80
CA ASN A 41 29.08 -13.08 4.74
C ASN A 41 28.39 -12.98 3.37
N SER A 42 27.68 -11.87 3.16
CA SER A 42 27.06 -11.55 1.86
C SER A 42 27.66 -10.26 1.33
N PRO A 43 27.46 -9.97 0.03
CA PRO A 43 27.89 -8.67 -0.48
C PRO A 43 27.28 -7.53 0.37
N ALA A 44 26.02 -7.65 0.76
CA ALA A 44 25.29 -6.58 1.49
C ALA A 44 26.00 -6.26 2.80
N SER A 45 26.39 -7.26 3.58
CA SER A 45 27.17 -7.10 4.84
C SER A 45 28.52 -6.44 4.57
N LEU A 46 29.23 -6.79 3.47
CA LEU A 46 30.62 -6.34 3.23
C LEU A 46 30.62 -4.82 2.97
N VAL A 47 29.60 -4.31 2.28
CA VAL A 47 29.60 -2.86 1.91
C VAL A 47 28.98 -2.06 3.06
N GLY A 48 28.44 -2.75 4.08
CA GLY A 48 27.97 -2.14 5.32
C GLY A 48 26.50 -1.76 5.29
N LEU A 49 25.66 -2.44 4.51
CA LEU A 49 24.18 -2.31 4.61
C LEU A 49 23.74 -2.80 5.99
N ARG A 50 22.81 -2.08 6.59
CA ARG A 50 22.35 -2.29 7.98
C ARG A 50 20.84 -2.47 7.96
N PHE A 51 20.33 -3.35 8.79
CA PHE A 51 18.89 -3.40 9.10
C PHE A 51 18.40 -1.97 9.35
N GLY A 52 17.23 -1.62 8.76
CA GLY A 52 16.57 -0.33 8.95
C GLY A 52 17.03 0.71 7.96
N ASP A 53 18.04 0.39 7.15
CA ASP A 53 18.53 1.30 6.09
C ASP A 53 17.39 1.57 5.11
N GLN A 54 17.32 2.80 4.61
CA GLN A 54 16.44 3.16 3.50
C GLN A 54 17.21 3.11 2.18
N VAL A 55 16.63 2.44 1.18
CA VAL A 55 17.14 2.35 -0.23
C VAL A 55 16.36 3.37 -1.06
N LEU A 56 16.97 4.49 -1.42
CA LEU A 56 16.32 5.57 -2.21
C LEU A 56 16.40 5.19 -3.68
N GLN A 57 17.57 4.75 -4.12
CA GLN A 57 17.77 4.30 -5.52
C GLN A 57 18.54 2.98 -5.57
N ILE A 58 18.23 2.25 -6.64
CA ILE A 58 18.94 1.04 -7.14
C ILE A 58 19.28 1.31 -8.60
N ASN A 59 20.55 1.44 -8.94
CA ASN A 59 20.99 1.69 -10.35
C ASN A 59 20.37 3.02 -10.80
N GLY A 60 20.39 4.03 -9.93
CA GLY A 60 19.83 5.37 -10.17
C GLY A 60 18.35 5.33 -10.58
N GLU A 61 17.58 4.30 -10.24
CA GLU A 61 16.09 4.31 -10.29
C GLU A 61 15.53 4.59 -8.88
N ASN A 62 14.53 5.45 -8.76
CA ASN A 62 13.86 5.82 -7.49
C ASN A 62 13.06 4.61 -7.00
N CYS A 63 13.07 4.34 -5.70
CA CYS A 63 12.36 3.17 -5.10
C CYS A 63 10.97 3.59 -4.63
N ALA A 64 10.69 4.90 -4.58
CA ALA A 64 9.42 5.43 -4.03
C ALA A 64 8.26 4.62 -4.60
N GLY A 65 7.43 4.08 -3.71
CA GLY A 65 6.15 3.46 -4.05
C GLY A 65 6.24 2.00 -4.47
N TRP A 66 7.44 1.40 -4.50
CA TRP A 66 7.66 -0.01 -4.89
C TRP A 66 7.12 -0.94 -3.81
N SER A 67 6.43 -2.02 -4.22
CA SER A 67 6.11 -3.20 -3.37
C SER A 67 7.43 -3.89 -2.99
N SER A 68 7.49 -4.58 -1.85
CA SER A 68 8.62 -5.48 -1.50
C SER A 68 8.88 -6.38 -2.71
N ASP A 69 7.83 -6.95 -3.31
CA ASP A 69 7.93 -7.94 -4.41
C ASP A 69 8.74 -7.36 -5.56
N LYS A 70 8.36 -6.16 -6.03
CA LYS A 70 9.03 -5.47 -7.16
C LYS A 70 10.50 -5.19 -6.83
N ALA A 71 10.80 -4.75 -5.60
CA ALA A 71 12.19 -4.40 -5.22
C ALA A 71 13.09 -5.63 -5.36
N HIS A 72 12.63 -6.79 -4.85
CA HIS A 72 13.30 -8.12 -4.96
C HIS A 72 13.46 -8.51 -6.45
N LYS A 73 12.40 -8.35 -7.24
CA LYS A 73 12.42 -8.61 -8.70
C LYS A 73 13.51 -7.76 -9.35
N VAL A 74 13.54 -6.44 -9.09
CA VAL A 74 14.55 -5.52 -9.71
C VAL A 74 15.95 -6.06 -9.42
N LEU A 75 16.23 -6.42 -8.17
CA LEU A 75 17.53 -6.96 -7.72
C LEU A 75 17.90 -8.25 -8.48
N LYS A 76 16.94 -9.18 -8.62
CA LYS A 76 17.09 -10.43 -9.42
C LYS A 76 17.61 -10.06 -10.82
N GLN A 77 17.00 -9.10 -11.52
CA GLN A 77 17.26 -8.83 -12.97
C GLN A 77 18.51 -7.98 -13.22
N ALA A 78 19.20 -7.52 -12.17
CA ALA A 78 20.34 -6.59 -12.27
C ALA A 78 21.56 -7.31 -12.88
N PHE A 79 22.24 -6.67 -13.84
CA PHE A 79 23.49 -7.14 -14.50
C PHE A 79 24.65 -7.07 -13.51
N GLY A 80 24.67 -8.05 -12.59
CA GLY A 80 25.28 -8.05 -11.24
C GLY A 80 26.76 -7.70 -11.13
N GLU A 81 27.46 -7.60 -12.27
CA GLU A 81 28.86 -7.11 -12.36
C GLU A 81 29.06 -5.94 -11.37
N LYS A 82 28.08 -5.03 -11.31
CA LYS A 82 28.13 -3.84 -10.43
C LYS A 82 26.70 -3.35 -10.23
N ILE A 83 26.26 -3.21 -8.98
CA ILE A 83 24.94 -2.63 -8.61
C ILE A 83 25.19 -1.42 -7.70
N THR A 84 24.70 -0.24 -8.09
CA THR A 84 24.82 0.99 -7.28
C THR A 84 23.55 1.17 -6.43
N MET A 85 23.71 1.45 -5.15
CA MET A 85 22.53 1.75 -4.29
C MET A 85 22.75 3.09 -3.63
N THR A 86 21.66 3.86 -3.50
CA THR A 86 21.64 5.11 -2.70
C THR A 86 20.86 4.84 -1.42
N ILE A 87 21.45 5.20 -0.29
CA ILE A 87 21.10 4.66 1.07
C ILE A 87 20.97 5.86 2.01
N ARG A 88 19.85 5.94 2.73
CA ARG A 88 19.70 6.83 3.92
C ARG A 88 19.94 5.96 5.16
N ASP A 89 20.91 6.32 5.98
CA ASP A 89 21.34 5.52 7.14
C ASP A 89 20.20 5.45 8.16
N ARG A 90 19.75 4.24 8.49
CA ARG A 90 18.77 3.87 9.55
C ARG A 90 17.86 5.02 10.00
N PRO A 91 16.99 5.52 9.08
CA PRO A 91 16.21 6.71 9.31
C PRO A 91 15.21 6.64 10.47
N PHE A 92 14.72 5.44 10.81
CA PHE A 92 13.75 5.24 11.93
C PHE A 92 14.47 4.94 13.25
N GLU A 93 15.81 4.99 13.32
CA GLU A 93 16.50 4.63 14.58
C GLU A 93 17.24 5.84 15.12
N ARG A 94 17.59 5.75 16.40
CA ARG A 94 18.45 6.71 17.12
C ARG A 94 19.41 5.94 18.03
N THR A 95 20.51 6.58 18.40
CA THR A 95 21.61 5.97 19.21
C THR A 95 21.65 6.67 20.55
N ILE A 96 21.83 5.91 21.62
CA ILE A 96 21.96 6.47 23.00
C ILE A 96 23.24 5.90 23.62
N THR A 97 24.12 6.79 24.07
CA THR A 97 25.32 6.45 24.88
C THR A 97 24.92 6.48 26.37
N MET A 98 25.19 5.40 27.08
CA MET A 98 25.01 5.32 28.55
C MET A 98 26.29 4.76 29.17
N HIS A 99 26.48 4.97 30.49
CA HIS A 99 27.65 4.47 31.27
C HIS A 99 27.16 3.49 32.34
N LYS A 100 27.80 2.32 32.46
CA LYS A 100 27.48 1.35 33.53
C LYS A 100 27.86 2.02 34.84
N ASP A 101 27.16 1.69 35.92
CA ASP A 101 27.44 2.22 37.28
C ASP A 101 28.64 1.47 37.87
N SER A 102 28.60 1.20 39.18
CA SER A 102 29.63 0.43 39.92
C SER A 102 29.24 -1.05 39.93
N THR A 103 28.01 -1.35 39.50
CA THR A 103 27.40 -2.71 39.51
C THR A 103 27.24 -3.24 38.08
N GLY A 104 27.83 -2.58 37.07
CA GLY A 104 27.70 -2.98 35.66
C GLY A 104 26.25 -2.92 35.15
N HIS A 105 25.46 -1.93 35.60
CA HIS A 105 24.08 -1.62 35.12
C HIS A 105 24.07 -0.29 34.36
N VAL A 106 23.32 -0.23 33.25
CA VAL A 106 23.05 1.04 32.52
C VAL A 106 21.67 1.57 32.94
N GLY A 107 20.73 0.67 33.20
CA GLY A 107 19.57 0.93 34.06
C GLY A 107 18.24 0.86 33.31
N PHE A 108 17.94 -0.28 32.68
CA PHE A 108 16.60 -0.63 32.14
C PHE A 108 16.34 -2.14 32.19
N ILE A 109 15.12 -2.51 31.80
CA ILE A 109 14.60 -3.90 31.64
C ILE A 109 14.03 -3.99 30.23
N PHE A 110 14.37 -5.05 29.51
CA PHE A 110 13.80 -5.36 28.19
C PHE A 110 13.24 -6.78 28.19
N LYS A 111 12.36 -7.08 27.23
CA LYS A 111 11.71 -8.41 27.06
C LYS A 111 11.30 -8.60 25.59
N ASN A 112 11.83 -9.66 24.95
CA ASN A 112 11.77 -9.94 23.49
C ASN A 112 12.38 -8.76 22.74
N GLY A 113 13.55 -8.30 23.19
CA GLY A 113 14.31 -7.22 22.54
C GLY A 113 13.79 -5.82 22.87
N LYS A 114 12.60 -5.71 23.51
CA LYS A 114 11.86 -4.44 23.70
C LYS A 114 12.07 -3.87 25.12
N ILE A 115 12.57 -2.63 25.22
CA ILE A 115 12.77 -1.92 26.52
C ILE A 115 11.39 -1.67 27.15
N THR A 116 11.18 -2.07 28.41
CA THR A 116 9.83 -2.14 29.05
C THR A 116 9.68 -1.20 30.23
N SER A 117 10.74 -0.95 31.01
CA SER A 117 10.76 0.12 32.04
C SER A 117 12.18 0.70 32.16
N ILE A 118 12.30 1.91 32.72
CA ILE A 118 13.59 2.62 32.99
C ILE A 118 13.75 2.76 34.51
N VAL A 119 14.97 2.56 35.03
CA VAL A 119 15.25 2.48 36.49
C VAL A 119 15.61 3.86 37.03
N LYS A 120 14.86 4.33 38.04
CA LYS A 120 15.00 5.70 38.58
C LYS A 120 16.46 5.90 38.95
N ASP A 121 17.03 7.04 38.55
CA ASP A 121 18.41 7.49 38.87
C ASP A 121 19.47 6.69 38.08
N SER A 122 19.11 6.02 36.97
CA SER A 122 20.07 5.29 36.09
C SER A 122 20.62 6.21 34.99
N SER A 123 21.74 5.82 34.39
CA SER A 123 22.29 6.45 33.16
C SER A 123 21.21 6.42 32.06
N ALA A 124 20.49 5.30 31.95
CA ALA A 124 19.34 5.12 31.02
C ALA A 124 18.31 6.24 31.26
N ALA A 125 18.08 6.57 32.52
CA ALA A 125 17.16 7.65 32.92
C ALA A 125 17.79 9.00 32.56
N ARG A 126 19.07 9.21 32.86
CA ARG A 126 19.75 10.53 32.69
C ARG A 126 19.80 10.88 31.19
N ASN A 127 19.82 9.86 30.33
CA ASN A 127 19.98 9.97 28.85
C ASN A 127 18.63 9.85 28.15
N GLY A 128 17.55 9.60 28.90
CA GLY A 128 16.18 9.64 28.36
C GLY A 128 15.93 8.49 27.40
N LEU A 129 16.27 7.30 27.85
CA LEU A 129 15.93 6.05 27.14
C LEU A 129 14.41 5.89 27.21
N LEU A 130 13.81 5.32 26.17
CA LEU A 130 12.36 5.22 26.07
C LEU A 130 11.99 3.76 26.07
N THR A 131 10.82 3.46 26.63
CA THR A 131 10.18 2.14 26.60
C THR A 131 9.44 1.97 25.26
N GLU A 132 8.86 0.80 25.01
CA GLU A 132 8.15 0.52 23.76
C GLU A 132 9.12 0.76 22.59
N HIS A 133 10.42 0.53 22.80
CA HIS A 133 11.48 0.65 21.75
C HIS A 133 12.24 -0.67 21.65
N ASN A 134 12.45 -1.20 20.42
CA ASN A 134 13.17 -2.48 20.18
C ASN A 134 14.66 -2.18 20.08
N ILE A 135 15.50 -3.03 20.68
CA ILE A 135 16.97 -2.92 20.57
C ILE A 135 17.38 -3.48 19.22
N CYS A 136 17.99 -2.68 18.36
CA CYS A 136 18.40 -3.06 16.99
C CYS A 136 19.89 -3.44 16.95
N GLU A 137 20.71 -2.69 17.70
CA GLU A 137 22.19 -2.80 17.70
C GLU A 137 22.74 -2.48 19.10
N ILE A 138 23.93 -2.98 19.41
CA ILE A 138 24.73 -2.59 20.61
C ILE A 138 26.19 -2.42 20.18
N ASN A 139 26.78 -1.28 20.46
CA ASN A 139 28.12 -0.84 19.98
C ASN A 139 28.32 -1.24 18.50
N GLY A 140 27.31 -1.02 17.66
CA GLY A 140 27.39 -1.23 16.20
C GLY A 140 27.02 -2.65 15.81
N GLN A 141 26.81 -3.53 16.80
CA GLN A 141 26.56 -4.97 16.56
C GLN A 141 25.07 -5.21 16.50
N ASN A 142 24.57 -5.60 15.34
CA ASN A 142 23.16 -5.98 15.15
C ASN A 142 22.85 -7.15 16.11
N VAL A 143 21.76 -7.05 16.88
CA VAL A 143 21.41 -8.06 17.93
C VAL A 143 19.97 -8.52 17.73
N ILE A 144 19.44 -8.34 16.52
CA ILE A 144 17.99 -8.58 16.26
C ILE A 144 17.79 -10.08 16.16
N GLY A 145 17.00 -10.65 17.08
CA GLY A 145 16.56 -12.05 16.99
C GLY A 145 17.35 -12.94 17.94
N LEU A 146 18.50 -12.47 18.43
CA LEU A 146 19.24 -13.12 19.54
C LEU A 146 18.26 -13.32 20.70
N LYS A 147 18.53 -14.31 21.55
CA LYS A 147 17.76 -14.51 22.80
C LYS A 147 18.04 -13.29 23.67
N ASP A 148 17.17 -13.03 24.65
CA ASP A 148 17.37 -11.94 25.64
C ASP A 148 18.70 -12.21 26.36
N SER A 149 18.94 -13.47 26.73
CA SER A 149 20.14 -13.91 27.49
C SER A 149 21.41 -13.49 26.75
N GLN A 150 21.43 -13.63 25.42
CA GLN A 150 22.63 -13.28 24.62
C GLN A 150 22.83 -11.75 24.59
N ILE A 151 21.73 -10.99 24.56
CA ILE A 151 21.80 -9.50 24.52
C ILE A 151 22.41 -9.01 25.84
N ALA A 152 21.96 -9.56 26.98
CA ALA A 152 22.52 -9.31 28.33
C ALA A 152 24.03 -9.54 28.32
N ASP A 153 24.43 -10.72 27.84
CA ASP A 153 25.86 -11.11 27.73
C ASP A 153 26.61 -10.04 26.93
N ILE A 154 26.05 -9.54 25.83
CA ILE A 154 26.72 -8.49 24.99
C ILE A 154 26.85 -7.20 25.81
N LEU A 155 25.89 -6.93 26.70
CA LEU A 155 25.90 -5.73 27.57
C LEU A 155 26.93 -5.95 28.67
N SER A 156 26.81 -7.05 29.42
CA SER A 156 27.81 -7.52 30.41
C SER A 156 29.22 -7.38 29.83
N THR A 157 29.48 -7.96 28.65
CA THR A 157 30.82 -8.06 28.01
C THR A 157 31.16 -6.79 27.21
N SER A 158 30.32 -5.76 27.25
CA SER A 158 30.62 -4.45 26.64
C SER A 158 31.53 -3.64 27.58
N GLY A 159 32.25 -2.65 27.05
CA GLY A 159 32.99 -1.65 27.86
C GLY A 159 32.13 -1.05 28.97
N THR A 160 32.51 0.08 29.55
CA THR A 160 31.66 0.80 30.54
C THR A 160 30.73 1.74 29.76
N VAL A 161 31.24 2.30 28.66
CA VAL A 161 30.43 2.94 27.58
C VAL A 161 29.66 1.86 26.81
N VAL A 162 28.34 2.01 26.80
CA VAL A 162 27.39 1.17 26.02
C VAL A 162 26.64 2.10 25.06
N THR A 163 26.73 1.84 23.77
CA THR A 163 25.90 2.50 22.76
C THR A 163 24.79 1.57 22.28
N ILE A 164 23.55 2.06 22.26
CA ILE A 164 22.35 1.29 21.87
C ILE A 164 21.59 2.03 20.75
N THR A 165 21.33 1.31 19.67
CA THR A 165 20.52 1.78 18.53
C THR A 165 19.13 1.21 18.72
N ILE A 166 18.16 2.10 18.94
CA ILE A 166 16.76 1.77 19.30
C ILE A 166 15.84 2.16 18.14
N MET A 167 14.66 1.54 18.07
CA MET A 167 13.60 1.78 17.07
C MET A 167 12.22 1.63 17.73
N PRO A 168 11.30 2.59 17.51
CA PRO A 168 9.91 2.47 17.96
C PRO A 168 9.29 1.11 17.62
N ALA A 169 8.84 0.40 18.65
CA ALA A 169 8.23 -0.94 18.56
C ALA A 169 7.33 -1.06 17.32
N PHE A 170 6.33 -0.18 17.18
N PHE A 170 6.36 -0.15 17.17
CA PHE A 170 5.29 -0.23 16.10
CA PHE A 170 5.29 -0.20 16.13
C PHE A 170 5.97 -0.31 14.74
C PHE A 170 5.91 -0.21 14.73
N ILE A 171 7.07 0.42 14.55
CA ILE A 171 7.79 0.49 13.24
C ILE A 171 8.54 -0.82 13.05
N PHE A 172 9.29 -1.20 14.08
CA PHE A 172 10.10 -2.42 14.15
C PHE A 172 9.21 -3.62 13.81
N GLU A 173 8.07 -3.73 14.48
CA GLU A 173 7.06 -4.80 14.28
C GLU A 173 6.56 -4.76 12.84
N HIS A 174 6.48 -3.60 12.21
CA HIS A 174 5.96 -3.51 10.82
C HIS A 174 7.04 -3.94 9.82
N ILE A 175 8.33 -3.86 10.17
CA ILE A 175 9.45 -4.22 9.23
C ILE A 175 9.65 -5.74 9.22
N ILE A 176 9.58 -6.39 10.38
CA ILE A 176 9.95 -7.82 10.60
C ILE A 176 8.75 -8.74 10.32
N LYS A 177 7.58 -8.19 9.95
CA LYS A 177 6.40 -8.98 9.49
C LYS A 177 6.78 -9.75 8.22
N ARG A 178 6.34 -11.02 8.12
CA ARG A 178 6.44 -11.88 6.91
C ARG A 178 7.88 -12.41 6.73
N MET A 179 8.60 -12.50 7.85
CA MET A 179 9.91 -13.19 7.98
C MET A 179 9.94 -13.86 9.37
N ALA A 180 10.00 -15.20 9.40
CA ALA A 180 9.86 -16.07 10.60
C ALA A 180 10.97 -15.75 11.60
N PRO A 181 10.71 -15.85 12.93
CA PRO A 181 11.69 -15.43 13.94
C PRO A 181 12.93 -16.34 14.06
N SER A 182 13.00 -17.41 13.25
CA SER A 182 14.14 -18.35 13.14
C SER A 182 15.17 -17.81 12.15
N ILE A 183 14.70 -17.20 11.06
CA ILE A 183 15.55 -16.55 10.00
C ILE A 183 16.29 -15.36 10.66
N MET A 184 15.55 -14.52 11.41
CA MET A 184 16.06 -13.38 12.24
C MET A 184 17.26 -13.87 13.04
N LYS A 185 17.03 -14.90 13.85
CA LYS A 185 18.02 -15.57 14.74
C LYS A 185 19.19 -16.15 13.93
N SER A 186 18.88 -16.95 12.92
CA SER A 186 19.84 -17.75 12.11
C SER A 186 20.67 -16.82 11.22
N LEU A 187 20.00 -16.02 10.40
CA LEU A 187 20.55 -15.49 9.12
C LEU A 187 20.91 -13.99 9.19
N MET A 188 20.28 -13.19 10.07
CA MET A 188 20.64 -11.76 10.31
C MET A 188 22.10 -11.67 10.79
N ASP A 189 22.92 -10.96 10.00
CA ASP A 189 24.33 -10.61 10.29
C ASP A 189 24.39 -10.05 11.72
N HIS A 190 25.08 -10.72 12.63
CA HIS A 190 25.25 -10.31 14.05
C HIS A 190 26.72 -10.10 14.33
N THR A 191 27.54 -10.03 13.28
CA THR A 191 29.02 -9.96 13.39
C THR A 191 29.42 -8.50 13.60
N ILE A 192 30.52 -8.28 14.31
CA ILE A 192 31.30 -7.01 14.31
C ILE A 192 31.78 -6.83 12.88
N PRO A 193 31.74 -5.62 12.27
CA PRO A 193 32.18 -5.45 10.88
C PRO A 193 33.70 -5.54 10.68
N GLU A 194 34.10 -5.94 9.48
CA GLU A 194 35.50 -6.20 9.05
C GLU A 194 36.13 -4.88 8.56
N VAL A 195 37.46 -4.77 8.63
CA VAL A 195 38.25 -3.63 8.06
C VAL A 195 39.36 -4.18 7.14
N ALA B 3 4.16 -30.60 -22.70
CA ALA B 3 3.41 -31.57 -21.84
C ALA B 3 4.32 -32.73 -21.38
N GLU B 4 5.28 -33.13 -22.22
CA GLU B 4 6.06 -34.42 -22.12
C GLU B 4 6.92 -34.47 -20.84
N ILE B 5 7.02 -35.66 -20.23
CA ILE B 5 7.80 -35.92 -18.98
C ILE B 5 9.29 -35.97 -19.38
N LYS B 6 10.08 -35.03 -18.85
CA LYS B 6 11.54 -34.83 -19.13
C LYS B 6 12.38 -35.78 -18.26
N GLN B 7 13.26 -36.54 -18.90
CA GLN B 7 14.21 -37.49 -18.28
C GLN B 7 15.28 -36.71 -17.51
N GLY B 8 15.83 -37.28 -16.44
CA GLY B 8 16.88 -36.61 -15.65
C GLY B 8 16.33 -35.46 -14.81
N ILE B 9 17.26 -34.61 -14.37
CA ILE B 9 17.13 -33.68 -13.22
C ILE B 9 17.28 -32.24 -13.73
N ARG B 10 16.60 -31.27 -13.12
CA ARG B 10 16.92 -29.83 -13.35
C ARG B 10 16.96 -29.05 -12.03
N GLU B 11 17.61 -27.90 -12.08
CA GLU B 11 17.76 -26.92 -10.96
C GLU B 11 16.73 -25.81 -11.22
N VAL B 12 15.88 -25.53 -10.24
CA VAL B 12 14.95 -24.36 -10.24
C VAL B 12 15.44 -23.39 -9.14
N ILE B 13 15.20 -22.09 -9.30
CA ILE B 13 15.65 -21.03 -8.34
C ILE B 13 14.43 -20.23 -7.93
N LEU B 14 14.25 -20.02 -6.63
CA LEU B 14 13.00 -19.42 -6.06
C LEU B 14 13.37 -18.25 -5.16
N CYS B 15 12.52 -17.21 -5.21
CA CYS B 15 12.41 -16.15 -4.21
C CYS B 15 11.17 -16.42 -3.36
N LYS B 16 11.25 -16.33 -2.04
CA LYS B 16 10.03 -16.23 -1.19
C LYS B 16 9.35 -14.89 -1.50
N ASP B 17 8.03 -14.89 -1.65
CA ASP B 17 7.25 -13.66 -1.92
C ASP B 17 7.29 -12.81 -0.63
N GLN B 18 6.65 -11.64 -0.65
CA GLN B 18 6.74 -10.67 0.47
C GLN B 18 5.91 -11.15 1.67
N ASP B 19 5.21 -12.29 1.59
CA ASP B 19 4.50 -12.89 2.77
C ASP B 19 5.28 -14.09 3.34
N GLY B 20 6.52 -14.32 2.89
CA GLY B 20 7.38 -15.44 3.33
C GLY B 20 7.03 -16.77 2.65
N LYS B 21 6.18 -16.73 1.61
CA LYS B 21 5.51 -17.91 0.98
C LYS B 21 6.20 -18.29 -0.33
N ILE B 22 6.13 -19.57 -0.64
CA ILE B 22 6.77 -20.22 -1.83
C ILE B 22 5.65 -20.71 -2.73
N GLY B 23 4.56 -21.13 -2.10
CA GLY B 23 3.34 -21.64 -2.75
C GLY B 23 3.40 -23.13 -2.98
N LEU B 24 4.07 -23.88 -2.08
CA LEU B 24 4.28 -25.35 -2.16
C LEU B 24 3.73 -26.05 -0.93
N ARG B 25 3.23 -27.26 -1.12
CA ARG B 25 3.13 -28.28 -0.04
C ARG B 25 3.89 -29.51 -0.53
N LEU B 26 4.68 -30.10 0.37
CA LEU B 26 5.60 -31.22 0.10
C LEU B 26 5.15 -32.41 0.92
N LYS B 27 5.30 -33.61 0.37
CA LYS B 27 4.92 -34.89 1.02
C LYS B 27 6.03 -35.93 0.82
N SER B 28 6.39 -36.59 1.93
CA SER B 28 7.24 -37.82 2.02
C SER B 28 6.52 -38.99 1.33
N ILE B 29 7.14 -39.56 0.29
CA ILE B 29 6.64 -40.78 -0.44
C ILE B 29 7.84 -41.67 -0.80
N ASP B 30 7.92 -42.86 -0.20
CA ASP B 30 8.92 -43.91 -0.47
C ASP B 30 10.32 -43.32 -0.23
N ASN B 31 10.51 -42.57 0.87
CA ASN B 31 11.77 -41.91 1.31
C ASN B 31 12.30 -40.93 0.26
N GLY B 32 11.42 -40.45 -0.63
CA GLY B 32 11.67 -39.25 -1.43
C GLY B 32 10.74 -38.15 -0.95
N ILE B 33 10.88 -36.95 -1.53
CA ILE B 33 9.97 -35.81 -1.26
C ILE B 33 9.33 -35.34 -2.56
N PHE B 34 8.03 -35.05 -2.50
CA PHE B 34 7.20 -34.80 -3.70
C PHE B 34 6.18 -33.70 -3.41
N VAL B 35 5.87 -32.95 -4.46
CA VAL B 35 4.95 -31.79 -4.39
C VAL B 35 3.52 -32.33 -4.37
N GLN B 36 2.72 -31.98 -3.36
CA GLN B 36 1.27 -32.33 -3.35
C GLN B 36 0.40 -31.13 -3.76
N LEU B 37 0.93 -29.91 -3.67
CA LEU B 37 0.21 -28.65 -4.03
C LEU B 37 1.22 -27.61 -4.55
N VAL B 38 0.88 -26.96 -5.65
CA VAL B 38 1.48 -25.68 -6.14
C VAL B 38 0.36 -24.64 -6.14
N GLN B 39 0.58 -23.47 -5.52
CA GLN B 39 -0.40 -22.35 -5.47
C GLN B 39 -0.37 -21.56 -6.79
N ALA B 40 -1.53 -21.24 -7.34
CA ALA B 40 -1.63 -20.24 -8.44
C ALA B 40 -0.94 -18.94 -7.98
N ASN B 41 -0.20 -18.27 -8.88
CA ASN B 41 0.40 -16.93 -8.62
C ASN B 41 1.29 -17.03 -7.38
N SER B 42 2.27 -17.91 -7.45
CA SER B 42 3.28 -18.10 -6.37
C SER B 42 4.66 -18.18 -7.00
N PRO B 43 5.72 -17.87 -6.23
CA PRO B 43 7.07 -18.19 -6.68
C PRO B 43 7.04 -19.56 -7.36
N ALA B 44 6.39 -20.53 -6.73
CA ALA B 44 6.36 -21.95 -7.18
C ALA B 44 5.78 -22.09 -8.60
N SER B 45 4.55 -21.60 -8.84
CA SER B 45 3.91 -21.63 -10.18
C SER B 45 4.84 -20.95 -11.19
N LEU B 46 5.30 -19.73 -10.89
CA LEU B 46 6.06 -18.90 -11.84
C LEU B 46 7.29 -19.66 -12.33
N VAL B 47 7.95 -20.49 -11.49
CA VAL B 47 9.19 -21.24 -11.91
C VAL B 47 8.85 -22.61 -12.52
N GLY B 48 7.58 -23.02 -12.54
CA GLY B 48 7.13 -24.19 -13.34
C GLY B 48 7.26 -25.48 -12.56
N LEU B 49 7.16 -25.39 -11.23
CA LEU B 49 7.00 -26.56 -10.34
C LEU B 49 5.56 -27.11 -10.46
N ARG B 50 5.42 -28.43 -10.44
CA ARG B 50 4.17 -29.15 -10.76
C ARG B 50 3.86 -30.18 -9.66
N PHE B 51 2.57 -30.35 -9.40
CA PHE B 51 2.06 -31.56 -8.73
C PHE B 51 2.82 -32.75 -9.29
N GLY B 52 3.39 -33.54 -8.37
CA GLY B 52 4.00 -34.83 -8.69
C GLY B 52 5.52 -34.75 -8.81
N ASP B 53 6.09 -33.53 -8.96
CA ASP B 53 7.55 -33.36 -9.03
C ASP B 53 8.18 -33.95 -7.76
N GLN B 54 9.28 -34.67 -7.94
CA GLN B 54 10.16 -35.08 -6.84
C GLN B 54 11.18 -33.96 -6.60
N VAL B 55 11.42 -33.63 -5.33
CA VAL B 55 12.50 -32.68 -4.91
C VAL B 55 13.65 -33.53 -4.36
N LEU B 56 14.80 -33.51 -5.04
CA LEU B 56 16.03 -34.28 -4.67
C LEU B 56 16.81 -33.50 -3.62
N GLN B 57 16.94 -32.19 -3.81
CA GLN B 57 17.66 -31.26 -2.90
C GLN B 57 16.93 -29.92 -2.76
N ILE B 58 17.03 -29.35 -1.55
CA ILE B 58 16.77 -27.93 -1.21
C ILE B 58 18.07 -27.31 -0.70
N ASN B 59 18.57 -26.31 -1.41
CA ASN B 59 19.80 -25.57 -1.06
C ASN B 59 20.96 -26.57 -0.97
N GLY B 60 21.05 -27.49 -1.93
CA GLY B 60 22.09 -28.52 -2.07
C GLY B 60 22.13 -29.50 -0.90
N GLU B 61 21.05 -29.66 -0.12
CA GLU B 61 20.86 -30.71 0.92
C GLU B 61 19.94 -31.81 0.37
N ASN B 62 20.25 -33.09 0.60
CA ASN B 62 19.46 -34.24 0.08
C ASN B 62 18.15 -34.35 0.86
N CYS B 63 17.02 -34.48 0.17
CA CYS B 63 15.65 -34.64 0.75
C CYS B 63 15.38 -36.10 1.16
N ALA B 64 16.25 -37.02 0.77
CA ALA B 64 16.09 -38.47 1.04
C ALA B 64 15.76 -38.70 2.53
N GLY B 65 14.61 -39.34 2.79
CA GLY B 65 14.21 -39.80 4.14
C GLY B 65 13.53 -38.73 4.97
N TRP B 66 13.55 -37.47 4.51
CA TRP B 66 12.93 -36.35 5.22
C TRP B 66 11.44 -36.65 5.42
N SER B 67 10.89 -36.34 6.59
CA SER B 67 9.41 -36.28 6.82
C SER B 67 8.88 -35.07 6.05
N SER B 68 7.57 -35.01 5.81
CA SER B 68 6.87 -33.81 5.28
C SER B 68 7.18 -32.64 6.22
N ASP B 69 7.02 -32.87 7.53
CA ASP B 69 7.25 -31.84 8.58
C ASP B 69 8.68 -31.30 8.43
N LYS B 70 9.66 -32.14 8.16
CA LYS B 70 11.04 -31.61 8.03
C LYS B 70 11.20 -30.78 6.73
N ALA B 71 10.60 -31.15 5.62
CA ALA B 71 10.79 -30.38 4.36
C ALA B 71 10.17 -28.99 4.54
N HIS B 72 8.95 -28.93 5.10
CA HIS B 72 8.19 -27.67 5.38
C HIS B 72 8.95 -26.77 6.35
N LYS B 73 9.64 -27.35 7.32
CA LYS B 73 10.48 -26.63 8.30
C LYS B 73 11.68 -26.03 7.56
N VAL B 74 12.32 -26.80 6.68
CA VAL B 74 13.52 -26.28 5.96
C VAL B 74 13.09 -25.08 5.09
N LEU B 75 11.88 -25.11 4.50
CA LEU B 75 11.39 -24.02 3.62
C LEU B 75 11.05 -22.77 4.45
N LYS B 76 10.31 -22.92 5.56
CA LYS B 76 10.05 -21.82 6.54
C LYS B 76 11.37 -21.14 6.93
N GLN B 77 12.42 -21.92 7.21
CA GLN B 77 13.69 -21.41 7.77
C GLN B 77 14.64 -20.92 6.68
N ALA B 78 14.30 -21.12 5.40
CA ALA B 78 15.12 -20.66 4.26
C ALA B 78 15.19 -19.13 4.20
N PHE B 79 16.35 -18.54 3.95
CA PHE B 79 16.47 -17.16 3.44
C PHE B 79 15.73 -17.09 2.08
N GLY B 80 14.92 -16.07 1.86
CA GLY B 80 13.99 -16.04 0.71
C GLY B 80 14.64 -15.51 -0.56
N GLU B 81 15.83 -14.94 -0.49
CA GLU B 81 16.46 -14.31 -1.69
C GLU B 81 16.67 -15.38 -2.80
N LYS B 82 17.42 -16.43 -2.49
CA LYS B 82 17.60 -17.58 -3.40
C LYS B 82 17.37 -18.87 -2.61
N ILE B 83 16.49 -19.68 -3.15
CA ILE B 83 16.24 -21.08 -2.73
C ILE B 83 16.47 -21.93 -3.98
N THR B 84 17.45 -22.83 -3.94
CA THR B 84 17.75 -23.75 -5.06
C THR B 84 17.05 -25.08 -4.77
N MET B 85 16.34 -25.62 -5.76
CA MET B 85 15.78 -26.99 -5.67
C MET B 85 16.23 -27.77 -6.90
N THR B 86 16.66 -29.00 -6.70
CA THR B 86 16.97 -29.98 -7.77
C THR B 86 15.75 -30.88 -7.93
N ILE B 87 15.22 -30.98 -9.15
CA ILE B 87 13.86 -31.52 -9.46
C ILE B 87 13.98 -32.68 -10.47
N ARG B 88 13.29 -33.78 -10.21
CA ARG B 88 12.97 -34.83 -11.21
C ARG B 88 11.50 -34.60 -11.60
N ASP B 89 11.22 -34.49 -12.90
CA ASP B 89 9.92 -34.06 -13.44
C ASP B 89 8.94 -35.23 -13.31
N ARG B 90 7.89 -35.01 -12.52
CA ARG B 90 6.69 -35.88 -12.33
C ARG B 90 6.99 -37.38 -12.52
N PRO B 91 7.91 -37.99 -11.73
CA PRO B 91 8.41 -39.33 -12.02
C PRO B 91 7.39 -40.48 -12.01
N PHE B 92 6.32 -40.34 -11.24
CA PHE B 92 5.22 -41.34 -11.13
C PHE B 92 4.20 -41.12 -12.25
N GLU B 93 4.41 -40.15 -13.15
CA GLU B 93 3.39 -39.82 -14.17
C GLU B 93 3.94 -40.16 -15.53
N ARG B 94 3.03 -40.28 -16.49
CA ARG B 94 3.31 -40.35 -17.96
C ARG B 94 2.22 -39.55 -18.68
N THR B 95 2.51 -39.08 -19.89
CA THR B 95 1.57 -38.40 -20.81
C THR B 95 1.15 -39.38 -21.90
N ILE B 96 -0.09 -39.26 -22.37
CA ILE B 96 -0.67 -40.08 -23.48
C ILE B 96 -1.32 -39.08 -24.43
N THR B 97 -1.00 -39.16 -25.72
CA THR B 97 -1.58 -38.26 -26.75
C THR B 97 -2.65 -39.04 -27.52
N MET B 98 -3.82 -38.41 -27.67
CA MET B 98 -5.00 -39.03 -28.32
C MET B 98 -5.61 -38.00 -29.28
N HIS B 99 -6.34 -38.48 -30.28
CA HIS B 99 -7.03 -37.63 -31.29
C HIS B 99 -8.53 -37.86 -31.11
N LYS B 100 -9.28 -36.79 -30.84
CA LYS B 100 -10.76 -36.85 -30.84
C LYS B 100 -11.19 -37.50 -32.14
N ASP B 101 -12.31 -38.22 -32.12
CA ASP B 101 -12.96 -38.79 -33.32
C ASP B 101 -13.96 -37.72 -33.79
N SER B 102 -14.77 -38.06 -34.80
CA SER B 102 -15.78 -37.17 -35.43
C SER B 102 -16.77 -36.65 -34.38
N THR B 103 -17.03 -37.45 -33.33
CA THR B 103 -17.95 -37.09 -32.20
C THR B 103 -17.21 -36.27 -31.12
N GLY B 104 -15.88 -36.13 -31.21
CA GLY B 104 -15.11 -35.31 -30.25
C GLY B 104 -14.90 -36.05 -28.94
N HIS B 105 -14.79 -37.38 -29.01
CA HIS B 105 -14.46 -38.30 -27.90
C HIS B 105 -13.09 -38.92 -28.19
N VAL B 106 -12.29 -39.17 -27.14
CA VAL B 106 -10.95 -39.84 -27.22
C VAL B 106 -11.12 -41.28 -26.75
N GLY B 107 -12.11 -41.52 -25.88
CA GLY B 107 -12.70 -42.86 -25.67
C GLY B 107 -12.42 -43.43 -24.30
N PHE B 108 -12.79 -42.72 -23.24
CA PHE B 108 -12.78 -43.33 -21.89
C PHE B 108 -13.92 -42.76 -21.04
N ILE B 109 -14.17 -43.45 -19.95
CA ILE B 109 -15.06 -43.02 -18.85
C ILE B 109 -14.17 -42.78 -17.62
N PHE B 110 -14.46 -41.76 -16.83
CA PHE B 110 -13.77 -41.51 -15.54
C PHE B 110 -14.80 -41.04 -14.52
N LYS B 111 -14.44 -41.02 -13.23
CA LYS B 111 -15.29 -40.59 -12.10
C LYS B 111 -14.37 -40.17 -10.94
N ASN B 112 -14.68 -39.05 -10.28
CA ASN B 112 -13.75 -38.34 -9.36
C ASN B 112 -12.36 -38.30 -10.00
N GLY B 113 -12.27 -37.87 -11.25
CA GLY B 113 -10.99 -37.75 -11.99
C GLY B 113 -10.18 -39.04 -12.10
N LYS B 114 -10.80 -40.20 -11.94
CA LYS B 114 -10.11 -41.51 -12.10
C LYS B 114 -10.75 -42.22 -13.28
N ILE B 115 -9.91 -42.78 -14.16
CA ILE B 115 -10.31 -43.43 -15.44
C ILE B 115 -10.80 -44.83 -15.10
N THR B 116 -12.04 -45.16 -15.46
CA THR B 116 -12.68 -46.42 -15.02
C THR B 116 -12.84 -47.38 -16.19
N SER B 117 -13.03 -46.87 -17.38
CA SER B 117 -13.34 -47.75 -18.53
C SER B 117 -12.72 -47.14 -19.80
N ILE B 118 -12.23 -48.01 -20.69
CA ILE B 118 -11.57 -47.61 -21.97
C ILE B 118 -12.53 -48.00 -23.08
N VAL B 119 -12.91 -47.07 -23.96
CA VAL B 119 -13.90 -47.39 -25.02
C VAL B 119 -13.19 -48.14 -26.15
N LYS B 120 -13.89 -49.11 -26.73
CA LYS B 120 -13.40 -50.08 -27.74
C LYS B 120 -13.06 -49.33 -29.03
N ASP B 121 -12.02 -49.77 -29.76
CA ASP B 121 -11.56 -49.13 -31.03
C ASP B 121 -11.64 -47.59 -30.95
N SER B 122 -11.23 -46.98 -29.82
CA SER B 122 -11.10 -45.51 -29.65
C SER B 122 -9.63 -45.09 -29.76
N SER B 123 -9.35 -43.79 -29.74
CA SER B 123 -7.96 -43.30 -29.61
C SER B 123 -7.36 -43.81 -28.27
N ALA B 124 -8.13 -43.68 -27.17
CA ALA B 124 -7.69 -44.14 -25.84
C ALA B 124 -7.26 -45.61 -25.93
N ALA B 125 -8.04 -46.47 -26.60
CA ALA B 125 -7.68 -47.90 -26.80
C ALA B 125 -6.44 -48.04 -27.69
N ARG B 126 -6.32 -47.25 -28.76
CA ARG B 126 -5.19 -47.37 -29.73
C ARG B 126 -3.87 -46.98 -29.05
N ASN B 127 -3.90 -46.00 -28.14
CA ASN B 127 -2.71 -45.43 -27.44
C ASN B 127 -2.52 -46.04 -26.03
N GLY B 128 -3.23 -47.11 -25.67
CA GLY B 128 -2.93 -47.93 -24.46
C GLY B 128 -3.22 -47.21 -23.15
N LEU B 129 -4.24 -46.36 -23.10
CA LEU B 129 -4.67 -45.63 -21.88
C LEU B 129 -5.13 -46.68 -20.85
N LEU B 130 -4.80 -46.47 -19.60
CA LEU B 130 -4.96 -47.47 -18.52
C LEU B 130 -6.07 -47.00 -17.58
N THR B 131 -6.77 -47.91 -16.93
CA THR B 131 -7.81 -47.56 -15.92
C THR B 131 -7.14 -47.50 -14.56
N GLU B 132 -7.86 -47.14 -13.51
CA GLU B 132 -7.29 -47.06 -12.14
C GLU B 132 -6.06 -46.14 -12.20
N HIS B 133 -6.20 -45.08 -13.01
CA HIS B 133 -5.24 -43.96 -13.18
C HIS B 133 -6.01 -42.64 -13.03
N ASN B 134 -5.52 -41.77 -12.16
CA ASN B 134 -6.05 -40.41 -11.95
C ASN B 134 -5.53 -39.49 -13.03
N ILE B 135 -6.40 -38.62 -13.55
CA ILE B 135 -6.03 -37.52 -14.48
C ILE B 135 -5.39 -36.39 -13.64
N CYS B 136 -4.13 -36.07 -13.90
CA CYS B 136 -3.40 -34.98 -13.22
C CYS B 136 -3.38 -33.74 -14.09
N GLU B 137 -3.10 -33.90 -15.39
CA GLU B 137 -3.06 -32.74 -16.31
C GLU B 137 -3.75 -33.07 -17.64
N ILE B 138 -4.28 -32.04 -18.29
CA ILE B 138 -4.74 -32.09 -19.71
C ILE B 138 -4.03 -30.97 -20.47
N ASN B 139 -3.31 -31.31 -21.53
CA ASN B 139 -2.54 -30.31 -22.33
C ASN B 139 -1.63 -29.48 -21.41
N GLY B 140 -1.07 -30.11 -20.36
CA GLY B 140 -0.10 -29.50 -19.45
C GLY B 140 -0.77 -28.72 -18.33
N GLN B 141 -2.11 -28.69 -18.34
CA GLN B 141 -2.90 -27.95 -17.34
C GLN B 141 -3.30 -28.89 -16.19
N ASN B 142 -2.86 -28.56 -14.97
CA ASN B 142 -3.24 -29.27 -13.73
C ASN B 142 -4.77 -29.18 -13.53
N VAL B 143 -5.45 -30.33 -13.30
CA VAL B 143 -6.94 -30.41 -13.15
C VAL B 143 -7.31 -31.10 -11.82
N ILE B 144 -6.37 -31.17 -10.88
CA ILE B 144 -6.55 -31.88 -9.59
C ILE B 144 -7.38 -31.01 -8.66
N GLY B 145 -8.47 -31.59 -8.13
CA GLY B 145 -9.43 -30.88 -7.27
C GLY B 145 -10.61 -30.34 -8.07
N LEU B 146 -10.53 -30.30 -9.40
CA LEU B 146 -11.67 -29.92 -10.28
C LEU B 146 -12.75 -31.01 -10.27
N LYS B 147 -13.99 -30.60 -10.55
CA LYS B 147 -15.19 -31.47 -10.68
C LYS B 147 -15.17 -32.15 -12.04
N ASP B 148 -15.74 -33.34 -12.12
CA ASP B 148 -15.78 -34.17 -13.35
C ASP B 148 -16.35 -33.33 -14.49
N SER B 149 -17.24 -32.40 -14.21
CA SER B 149 -17.88 -31.58 -15.27
C SER B 149 -16.83 -30.60 -15.81
N GLN B 150 -16.01 -30.00 -14.92
CA GLN B 150 -14.97 -29.02 -15.30
C GLN B 150 -13.91 -29.73 -16.16
N ILE B 151 -13.51 -30.93 -15.77
CA ILE B 151 -12.54 -31.77 -16.55
C ILE B 151 -13.13 -32.09 -17.94
N ALA B 152 -14.45 -32.25 -18.03
CA ALA B 152 -15.17 -32.50 -19.30
C ALA B 152 -15.09 -31.25 -20.18
N ASP B 153 -15.34 -30.07 -19.60
CA ASP B 153 -15.38 -28.80 -20.38
C ASP B 153 -14.01 -28.58 -21.03
N ILE B 154 -12.94 -28.86 -20.26
CA ILE B 154 -11.53 -28.69 -20.70
C ILE B 154 -11.18 -29.71 -21.81
N LEU B 155 -11.57 -30.96 -21.63
CA LEU B 155 -11.47 -31.97 -22.71
C LEU B 155 -12.18 -31.42 -23.95
N SER B 156 -13.34 -30.80 -23.77
CA SER B 156 -14.21 -30.35 -24.89
C SER B 156 -13.59 -29.14 -25.60
N THR B 157 -13.18 -28.10 -24.86
CA THR B 157 -12.67 -26.84 -25.48
C THR B 157 -11.29 -27.08 -26.10
N SER B 158 -10.58 -28.11 -25.66
CA SER B 158 -9.26 -28.53 -26.21
C SER B 158 -9.38 -28.83 -27.70
N GLY B 159 -8.28 -28.81 -28.43
CA GLY B 159 -8.25 -29.16 -29.87
C GLY B 159 -8.53 -30.63 -30.12
N THR B 160 -8.25 -31.11 -31.32
CA THR B 160 -8.41 -32.53 -31.73
C THR B 160 -7.37 -33.35 -30.97
N VAL B 161 -6.15 -32.82 -30.92
CA VAL B 161 -4.97 -33.46 -30.29
C VAL B 161 -5.01 -33.06 -28.81
N VAL B 162 -5.23 -34.06 -27.94
CA VAL B 162 -5.44 -33.94 -26.46
C VAL B 162 -4.34 -34.78 -25.79
N THR B 163 -3.49 -34.17 -24.96
CA THR B 163 -2.43 -34.90 -24.23
C THR B 163 -2.90 -35.00 -22.78
N ILE B 164 -2.99 -36.22 -22.26
CA ILE B 164 -3.41 -36.50 -20.85
C ILE B 164 -2.19 -37.02 -20.09
N THR B 165 -1.93 -36.44 -18.93
CA THR B 165 -0.92 -36.90 -17.95
C THR B 165 -1.66 -37.64 -16.84
N ILE B 166 -1.21 -38.86 -16.53
CA ILE B 166 -1.87 -39.80 -15.59
C ILE B 166 -0.88 -40.29 -14.54
N MET B 167 -1.40 -40.77 -13.43
CA MET B 167 -0.64 -41.36 -12.29
C MET B 167 -1.45 -42.55 -11.75
N PRO B 168 -0.82 -43.70 -11.47
CA PRO B 168 -1.53 -44.80 -10.80
C PRO B 168 -2.25 -44.31 -9.53
N ALA B 169 -3.51 -44.71 -9.39
CA ALA B 169 -4.48 -44.28 -8.35
C ALA B 169 -3.88 -44.45 -6.95
N PHE B 170 -3.32 -45.63 -6.66
N PHE B 170 -3.36 -45.64 -6.64
CA PHE B 170 -2.72 -45.98 -5.35
CA PHE B 170 -2.73 -45.97 -5.33
C PHE B 170 -1.67 -44.93 -4.96
C PHE B 170 -1.71 -44.88 -4.97
N ILE B 171 -0.88 -44.48 -5.94
CA ILE B 171 0.19 -43.46 -5.70
C ILE B 171 -0.48 -42.12 -5.48
N PHE B 172 -1.47 -41.80 -6.32
CA PHE B 172 -2.19 -40.51 -6.29
C PHE B 172 -2.90 -40.35 -4.93
N GLU B 173 -3.62 -41.38 -4.48
CA GLU B 173 -4.32 -41.39 -3.18
C GLU B 173 -3.28 -41.22 -2.06
N HIS B 174 -2.05 -41.69 -2.24
CA HIS B 174 -0.99 -41.57 -1.21
C HIS B 174 -0.47 -40.11 -1.14
N ILE B 175 -0.24 -39.48 -2.28
CA ILE B 175 0.37 -38.12 -2.40
C ILE B 175 -0.57 -37.05 -1.80
N ILE B 176 -1.89 -37.22 -1.88
CA ILE B 176 -2.85 -36.17 -1.41
C ILE B 176 -3.24 -36.38 0.07
N LYS B 177 -2.77 -37.44 0.72
CA LYS B 177 -2.87 -37.62 2.20
C LYS B 177 -2.18 -36.48 2.95
N ARG B 178 -2.63 -36.23 4.19
CA ARG B 178 -2.20 -35.09 5.06
C ARG B 178 -2.41 -33.78 4.31
N MET B 179 -3.55 -33.65 3.63
CA MET B 179 -3.95 -32.39 2.96
C MET B 179 -5.48 -32.42 2.85
N ALA B 180 -6.13 -31.40 3.45
CA ALA B 180 -7.60 -31.20 3.54
C ALA B 180 -8.19 -30.99 2.16
N PRO B 181 -9.02 -31.92 1.64
CA PRO B 181 -9.59 -31.79 0.30
C PRO B 181 -10.15 -30.42 -0.10
N SER B 182 -10.36 -29.52 0.87
CA SER B 182 -10.86 -28.14 0.66
C SER B 182 -9.68 -27.20 0.34
N ILE B 183 -8.50 -27.46 0.92
CA ILE B 183 -7.20 -26.79 0.57
C ILE B 183 -6.83 -27.16 -0.88
N MET B 184 -6.84 -28.45 -1.23
CA MET B 184 -6.53 -29.00 -2.59
C MET B 184 -7.48 -28.39 -3.62
N LYS B 185 -8.74 -28.23 -3.27
CA LYS B 185 -9.77 -27.71 -4.20
C LYS B 185 -9.61 -26.20 -4.44
N SER B 186 -9.19 -25.44 -3.42
CA SER B 186 -9.18 -23.96 -3.39
C SER B 186 -7.82 -23.38 -3.80
N LEU B 187 -6.71 -24.02 -3.43
CA LEU B 187 -5.35 -23.46 -3.67
C LEU B 187 -4.64 -24.05 -4.90
N MET B 188 -5.03 -25.25 -5.37
CA MET B 188 -4.29 -25.93 -6.47
C MET B 188 -4.26 -25.03 -7.72
N ASP B 189 -3.07 -24.93 -8.33
CA ASP B 189 -2.76 -24.15 -9.55
C ASP B 189 -3.41 -24.83 -10.75
N HIS B 190 -4.12 -24.08 -11.58
CA HIS B 190 -4.78 -24.58 -12.81
C HIS B 190 -4.42 -23.67 -13.98
N THR B 191 -3.40 -22.82 -13.81
CA THR B 191 -2.78 -22.01 -14.88
C THR B 191 -2.69 -22.82 -16.15
N ILE B 192 -3.01 -22.24 -17.30
CA ILE B 192 -2.66 -22.83 -18.63
C ILE B 192 -1.17 -22.58 -18.86
N PRO B 193 -0.42 -23.60 -19.34
CA PRO B 193 1.00 -23.43 -19.63
C PRO B 193 1.22 -22.26 -20.59
N GLU B 194 2.20 -21.41 -20.22
CA GLU B 194 2.59 -20.15 -20.89
C GLU B 194 3.88 -20.42 -21.64
N VAL B 195 4.26 -19.56 -22.57
CA VAL B 195 5.60 -19.65 -23.23
C VAL B 195 6.30 -18.31 -23.06
N ALA C 3 16.34 25.19 11.59
CA ALA C 3 15.54 24.27 10.71
C ALA C 3 15.97 22.82 10.92
N GLU C 4 17.29 22.59 10.99
CA GLU C 4 17.95 21.28 10.74
C GLU C 4 18.45 20.72 12.08
N ILE C 5 18.19 19.42 12.33
CA ILE C 5 18.17 18.76 13.68
C ILE C 5 19.60 18.63 14.24
N LYS C 6 19.83 19.19 15.43
CA LYS C 6 21.11 19.06 16.19
C LYS C 6 21.05 17.76 17.01
N GLN C 7 22.18 17.07 17.18
CA GLN C 7 22.24 15.80 17.95
C GLN C 7 22.92 16.06 19.32
N GLY C 8 23.08 15.02 20.11
CA GLY C 8 23.42 15.16 21.52
C GLY C 8 22.33 15.88 22.27
N ILE C 9 22.72 16.74 23.21
CA ILE C 9 21.92 17.19 24.39
C ILE C 9 22.41 18.58 24.80
N ARG C 10 21.53 19.57 24.84
CA ARG C 10 21.91 20.92 25.34
C ARG C 10 21.08 21.26 26.61
N GLU C 11 21.47 22.33 27.30
CA GLU C 11 20.79 22.88 28.49
C GLU C 11 20.20 24.25 28.14
N VAL C 12 18.94 24.52 28.49
CA VAL C 12 18.35 25.88 28.34
C VAL C 12 18.05 26.46 29.73
N ILE C 13 18.11 27.79 29.83
CA ILE C 13 17.84 28.55 31.08
C ILE C 13 16.61 29.40 30.79
N LEU C 14 15.62 29.38 31.70
CA LEU C 14 14.28 30.02 31.51
C LEU C 14 13.91 30.82 32.77
N CYS C 15 13.18 31.92 32.57
CA CYS C 15 12.50 32.68 33.64
C CYS C 15 11.01 32.69 33.30
N LYS C 16 10.16 32.46 34.30
CA LYS C 16 8.69 32.72 34.18
C LYS C 16 8.51 34.19 33.81
N ASP C 17 7.50 34.48 32.96
CA ASP C 17 7.21 35.85 32.47
C ASP C 17 6.46 36.62 33.57
N GLN C 18 5.72 37.67 33.16
CA GLN C 18 5.03 38.61 34.07
C GLN C 18 3.68 38.02 34.49
N ASP C 19 3.36 36.82 34.00
CA ASP C 19 2.10 36.08 34.32
C ASP C 19 2.42 34.73 35.00
N GLY C 20 3.71 34.45 35.27
CA GLY C 20 4.19 33.21 35.93
C GLY C 20 4.19 31.98 35.01
N LYS C 21 4.17 32.20 33.69
CA LYS C 21 4.13 31.15 32.65
C LYS C 21 5.49 31.08 31.94
N ILE C 22 5.82 29.92 31.38
CA ILE C 22 6.94 29.74 30.39
C ILE C 22 6.35 29.43 29.02
N GLY C 23 5.12 28.93 28.95
CA GLY C 23 4.38 28.84 27.68
C GLY C 23 4.61 27.52 27.00
N LEU C 24 4.47 26.45 27.79
CA LEU C 24 4.74 25.05 27.42
C LEU C 24 3.51 24.20 27.69
N ARG C 25 3.26 23.21 26.84
CA ARG C 25 2.56 21.97 27.26
C ARG C 25 3.52 20.79 27.04
N LEU C 26 3.52 19.85 28.00
CA LEU C 26 4.42 18.67 28.02
C LEU C 26 3.58 17.39 28.02
N LYS C 27 4.14 16.28 27.55
CA LYS C 27 3.40 15.03 27.24
C LYS C 27 4.30 13.82 27.55
N SER C 28 3.78 12.89 28.35
CA SER C 28 4.39 11.56 28.59
C SER C 28 4.27 10.73 27.31
N ILE C 29 5.41 10.32 26.75
CA ILE C 29 5.51 9.36 25.62
C ILE C 29 6.63 8.37 25.92
N ASP C 30 6.32 7.08 25.93
CA ASP C 30 7.30 5.97 26.04
C ASP C 30 8.22 6.25 27.23
N ASN C 31 7.62 6.70 28.34
CA ASN C 31 8.27 7.01 29.65
C ASN C 31 9.32 8.11 29.53
N GLY C 32 9.19 8.93 28.49
CA GLY C 32 9.87 10.22 28.36
C GLY C 32 8.91 11.39 28.50
N ILE C 33 9.43 12.61 28.47
CA ILE C 33 8.58 13.83 28.52
C ILE C 33 8.90 14.68 27.29
N PHE C 34 7.86 15.08 26.57
CA PHE C 34 7.96 15.76 25.26
C PHE C 34 7.10 17.04 25.24
N VAL C 35 7.61 18.06 24.56
CA VAL C 35 6.93 19.37 24.28
C VAL C 35 5.80 19.09 23.29
N GLN C 36 4.52 19.23 23.67
CA GLN C 36 3.36 19.11 22.73
C GLN C 36 2.90 20.50 22.27
N LEU C 37 3.29 21.54 22.99
CA LEU C 37 3.01 22.91 22.52
C LEU C 37 3.95 23.91 23.16
N VAL C 38 4.37 24.87 22.33
CA VAL C 38 5.13 26.09 22.70
C VAL C 38 4.29 27.28 22.22
N GLN C 39 4.04 28.26 23.08
CA GLN C 39 3.31 29.50 22.68
C GLN C 39 4.28 30.50 22.06
N ALA C 40 3.84 31.22 21.03
CA ALA C 40 4.57 32.39 20.46
C ALA C 40 4.89 33.38 21.59
N ASN C 41 6.04 34.06 21.48
N ASN C 41 5.95 34.19 21.37
CA ASN C 41 6.39 35.23 22.34
CA ASN C 41 6.55 35.17 22.32
C ASN C 41 6.51 34.79 23.80
C ASN C 41 6.31 34.74 23.77
N SER C 42 6.59 33.48 24.08
CA SER C 42 6.66 32.93 25.45
C SER C 42 8.13 32.74 25.77
N PRO C 43 8.54 32.72 27.06
CA PRO C 43 9.94 32.48 27.41
C PRO C 43 10.51 31.22 26.75
N ALA C 44 9.65 30.21 26.53
CA ALA C 44 9.99 28.93 25.89
C ALA C 44 10.43 29.13 24.42
N SER C 45 9.62 29.77 23.59
CA SER C 45 9.95 29.97 22.15
C SER C 45 11.18 30.87 22.06
N LEU C 46 11.24 31.90 22.91
CA LEU C 46 12.31 32.91 22.87
C LEU C 46 13.66 32.22 23.05
N VAL C 47 13.71 31.12 23.79
CA VAL C 47 14.98 30.44 24.19
C VAL C 47 15.24 29.22 23.28
N GLY C 48 14.33 28.86 22.39
CA GLY C 48 14.55 27.86 21.31
C GLY C 48 13.85 26.50 21.48
N LEU C 49 13.00 26.27 22.50
CA LEU C 49 12.21 25.03 22.62
C LEU C 49 11.23 24.96 21.44
N ARG C 50 11.10 23.77 20.88
CA ARG C 50 10.22 23.46 19.72
C ARG C 50 9.34 22.28 20.06
N PHE C 51 8.20 22.26 19.41
CA PHE C 51 7.30 21.09 19.39
C PHE C 51 8.17 19.85 19.21
N GLY C 52 8.01 18.88 20.08
CA GLY C 52 8.53 17.52 19.84
C GLY C 52 9.88 17.31 20.51
N ASP C 53 10.45 18.36 21.08
CA ASP C 53 11.67 18.31 21.93
C ASP C 53 11.41 17.35 23.08
N GLN C 54 12.43 16.58 23.48
CA GLN C 54 12.40 15.74 24.70
C GLN C 54 13.06 16.52 25.84
N VAL C 55 12.39 16.57 27.01
CA VAL C 55 12.93 17.09 28.30
C VAL C 55 13.41 15.92 29.17
N LEU C 56 14.73 15.84 29.32
CA LEU C 56 15.45 14.78 30.09
C LEU C 56 15.48 15.11 31.59
N GLN C 57 15.76 16.36 31.95
CA GLN C 57 15.83 16.88 33.35
C GLN C 57 15.16 18.25 33.43
N ILE C 58 14.57 18.56 34.57
CA ILE C 58 14.06 19.90 34.96
C ILE C 58 14.68 20.19 36.31
N ASN C 59 15.40 21.31 36.44
CA ASN C 59 16.21 21.67 37.64
C ASN C 59 16.97 20.44 38.15
N GLY C 60 17.68 19.74 37.26
CA GLY C 60 18.65 18.68 37.57
C GLY C 60 18.02 17.34 37.89
N GLU C 61 16.70 17.20 37.79
CA GLU C 61 15.94 15.98 38.10
C GLU C 61 15.54 15.23 36.82
N ASN C 62 15.74 13.91 36.82
CA ASN C 62 15.34 13.01 35.69
C ASN C 62 13.83 13.12 35.48
N CYS C 63 13.41 13.27 34.22
CA CYS C 63 11.97 13.35 33.82
C CYS C 63 11.38 11.95 33.55
N ALA C 64 12.24 10.93 33.47
CA ALA C 64 11.90 9.53 33.14
C ALA C 64 10.69 9.04 33.97
N GLY C 65 9.64 8.61 33.28
CA GLY C 65 8.46 7.94 33.87
C GLY C 65 7.47 8.92 34.46
N TRP C 66 7.73 10.24 34.35
CA TRP C 66 6.83 11.31 34.84
C TRP C 66 5.52 11.27 34.04
N SER C 67 4.39 11.47 34.70
CA SER C 67 3.10 11.78 34.03
C SER C 67 3.19 13.20 33.49
N SER C 68 2.45 13.50 32.45
CA SER C 68 2.14 14.89 32.01
C SER C 68 1.80 15.73 33.24
N ASP C 69 0.82 15.29 34.05
CA ASP C 69 0.35 16.01 35.27
C ASP C 69 1.56 16.34 36.17
N LYS C 70 2.48 15.40 36.38
CA LYS C 70 3.64 15.61 37.27
C LYS C 70 4.59 16.61 36.61
N ALA C 71 4.86 16.48 35.32
CA ALA C 71 5.71 17.47 34.60
C ALA C 71 5.16 18.88 34.85
N HIS C 72 3.84 19.05 34.74
CA HIS C 72 3.18 20.37 34.87
C HIS C 72 3.27 20.80 36.32
N LYS C 73 2.85 19.98 37.27
CA LYS C 73 2.87 20.41 38.69
C LYS C 73 4.28 20.93 39.02
N VAL C 74 5.31 20.25 38.54
CA VAL C 74 6.73 20.55 38.91
C VAL C 74 7.09 21.96 38.42
N LEU C 75 6.79 22.24 37.16
CA LEU C 75 7.09 23.56 36.57
C LEU C 75 6.30 24.66 37.30
N LYS C 76 4.98 24.45 37.47
CA LYS C 76 4.06 25.35 38.21
C LYS C 76 4.66 25.65 39.59
N GLN C 77 5.42 24.72 40.20
CA GLN C 77 5.95 24.90 41.57
C GLN C 77 7.36 25.46 41.59
N ALA C 78 8.01 25.50 40.43
CA ALA C 78 9.38 26.03 40.25
C ALA C 78 9.37 27.56 40.40
N PHE C 79 9.94 28.07 41.50
CA PHE C 79 9.85 29.52 41.83
C PHE C 79 11.22 30.12 42.23
N GLY C 80 12.34 29.42 42.00
CA GLY C 80 13.67 30.06 41.97
C GLY C 80 13.73 31.09 40.83
N GLU C 81 14.79 31.92 40.79
CA GLU C 81 14.89 33.06 39.81
C GLU C 81 15.06 32.52 38.38
N LYS C 82 15.56 31.29 38.22
CA LYS C 82 15.67 30.62 36.89
C LYS C 82 15.23 29.15 36.97
N ILE C 83 14.84 28.60 35.81
CA ILE C 83 14.45 27.17 35.56
C ILE C 83 15.41 26.61 34.50
N THR C 84 16.22 25.58 34.84
CA THR C 84 17.11 24.86 33.88
C THR C 84 16.37 23.64 33.33
N MET C 85 16.53 23.37 32.03
CA MET C 85 16.01 22.15 31.34
C MET C 85 17.13 21.56 30.47
N THR C 86 17.30 20.24 30.53
CA THR C 86 18.18 19.46 29.62
C THR C 86 17.30 18.84 28.53
N ILE C 87 17.65 19.09 27.27
CA ILE C 87 16.79 18.90 26.08
C ILE C 87 17.53 18.01 25.07
N ARG C 88 16.80 17.11 24.41
CA ARG C 88 17.25 16.41 23.19
C ARG C 88 16.37 16.91 22.04
N ASP C 89 17.01 17.35 20.96
CA ASP C 89 16.40 17.98 19.77
C ASP C 89 15.48 16.98 19.05
N ARG C 90 14.24 17.41 18.84
CA ARG C 90 13.16 16.75 18.08
C ARG C 90 13.46 15.29 17.73
N PRO C 91 13.61 14.39 18.73
CA PRO C 91 14.09 13.02 18.52
C PRO C 91 13.23 12.10 17.64
N PHE C 92 11.92 12.34 17.62
CA PHE C 92 11.03 11.56 16.74
C PHE C 92 11.04 12.14 15.34
N GLU C 93 11.70 13.27 15.11
CA GLU C 93 11.59 13.99 13.81
C GLU C 93 12.86 13.89 12.96
N ARG C 94 12.71 14.14 11.66
N ARG C 94 12.73 14.13 11.65
CA ARG C 94 13.78 14.11 10.62
CA ARG C 94 13.85 14.14 10.67
C ARG C 94 13.54 15.27 9.64
C ARG C 94 13.55 15.17 9.58
N THR C 95 14.59 15.79 9.02
CA THR C 95 14.49 16.84 7.97
C THR C 95 14.80 16.23 6.60
N ILE C 96 14.04 16.60 5.58
CA ILE C 96 14.29 16.19 4.17
C ILE C 96 14.39 17.47 3.36
N THR C 97 15.44 17.61 2.54
CA THR C 97 15.61 18.79 1.66
C THR C 97 15.33 18.39 0.21
N MET C 98 14.55 19.23 -0.49
CA MET C 98 14.02 18.99 -1.85
C MET C 98 14.18 20.24 -2.71
N HIS C 99 14.31 20.04 -4.01
CA HIS C 99 14.45 21.10 -5.04
C HIS C 99 13.15 21.11 -5.84
N LYS C 100 12.46 22.25 -5.88
CA LYS C 100 11.27 22.42 -6.74
C LYS C 100 11.70 22.13 -8.19
N ASP C 101 10.85 21.49 -8.97
CA ASP C 101 11.04 21.35 -10.43
C ASP C 101 10.83 22.73 -11.08
N SER C 102 10.83 22.76 -12.41
CA SER C 102 10.71 23.96 -13.26
C SER C 102 9.38 24.67 -13.00
N THR C 103 8.31 23.92 -12.72
CA THR C 103 6.94 24.45 -12.46
C THR C 103 6.76 24.88 -10.99
N GLY C 104 7.76 24.70 -10.11
CA GLY C 104 7.68 25.14 -8.71
C GLY C 104 6.96 24.14 -7.81
N HIS C 105 6.77 22.90 -8.28
CA HIS C 105 6.20 21.75 -7.53
C HIS C 105 7.33 20.98 -6.84
N VAL C 106 7.11 20.49 -5.61
CA VAL C 106 8.15 19.81 -4.78
C VAL C 106 8.08 18.30 -5.02
N GLY C 107 6.85 17.78 -5.13
CA GLY C 107 6.48 16.44 -5.59
C GLY C 107 5.75 15.64 -4.53
N PHE C 108 4.87 16.22 -3.71
CA PHE C 108 4.02 15.42 -2.79
C PHE C 108 2.62 16.00 -2.57
N ILE C 109 1.72 15.16 -2.06
CA ILE C 109 0.31 15.46 -1.68
C ILE C 109 0.14 15.28 -0.17
N PHE C 110 -0.59 16.19 0.48
CA PHE C 110 -0.87 16.11 1.93
C PHE C 110 -2.34 16.45 2.19
N LYS C 111 -2.78 16.10 3.39
CA LYS C 111 -4.17 16.21 3.85
C LYS C 111 -4.08 16.30 5.38
N ASN C 112 -4.55 17.39 5.96
CA ASN C 112 -4.39 17.68 7.41
C ASN C 112 -2.91 17.57 7.78
N GLY C 113 -2.00 18.03 6.92
CA GLY C 113 -0.55 18.14 7.19
C GLY C 113 0.15 16.79 7.22
N LYS C 114 -0.57 15.71 6.90
CA LYS C 114 0.00 14.36 6.75
C LYS C 114 0.29 14.12 5.27
N ILE C 115 1.54 13.82 4.93
CA ILE C 115 1.90 13.48 3.52
C ILE C 115 1.15 12.20 3.16
N THR C 116 0.48 12.18 2.01
CA THR C 116 -0.39 11.04 1.62
C THR C 116 0.09 10.39 0.33
N SER C 117 0.95 11.03 -0.46
CA SER C 117 1.49 10.39 -1.69
C SER C 117 2.75 11.13 -2.17
N ILE C 118 3.58 10.41 -2.94
CA ILE C 118 4.83 10.93 -3.55
C ILE C 118 4.67 10.77 -5.06
N VAL C 119 5.06 11.79 -5.80
CA VAL C 119 4.98 11.82 -7.28
C VAL C 119 6.23 11.13 -7.83
N LYS C 120 6.06 10.23 -8.81
CA LYS C 120 7.18 9.55 -9.53
C LYS C 120 8.09 10.62 -10.17
N ASP C 121 9.40 10.52 -9.91
CA ASP C 121 10.48 11.29 -10.58
C ASP C 121 10.54 12.74 -10.05
N SER C 122 9.98 12.98 -8.87
CA SER C 122 10.08 14.26 -8.12
C SER C 122 11.30 14.25 -7.18
N SER C 123 11.72 15.43 -6.73
CA SER C 123 12.79 15.61 -5.72
C SER C 123 12.37 14.95 -4.40
N ALA C 124 11.08 14.91 -4.11
CA ALA C 124 10.51 14.15 -2.96
C ALA C 124 10.89 12.67 -3.08
N ALA C 125 10.58 12.03 -4.21
CA ALA C 125 10.98 10.63 -4.49
C ALA C 125 12.50 10.48 -4.39
N ARG C 126 13.30 11.26 -5.13
CA ARG C 126 14.78 11.10 -5.16
C ARG C 126 15.33 11.14 -3.72
N ASN C 127 14.73 11.94 -2.84
CA ASN C 127 15.18 12.16 -1.44
C ASN C 127 14.38 11.29 -0.45
N GLY C 128 13.49 10.41 -0.92
CA GLY C 128 12.86 9.37 -0.08
C GLY C 128 11.99 9.94 1.04
N LEU C 129 11.21 10.98 0.72
CA LEU C 129 10.05 11.43 1.53
C LEU C 129 9.04 10.28 1.62
N LEU C 130 8.45 10.10 2.80
CA LEU C 130 7.54 8.99 3.15
C LEU C 130 6.09 9.49 3.29
N THR C 131 5.12 8.59 3.09
CA THR C 131 3.69 8.85 3.37
C THR C 131 3.43 8.49 4.84
N GLU C 132 2.27 8.84 5.35
CA GLU C 132 1.92 8.55 6.77
C GLU C 132 2.90 9.30 7.69
N HIS C 133 3.33 10.48 7.28
CA HIS C 133 4.24 11.36 8.06
C HIS C 133 3.61 12.75 8.15
N ASN C 134 3.52 13.30 9.35
CA ASN C 134 3.01 14.67 9.61
C ASN C 134 4.14 15.69 9.39
N ILE C 135 3.82 16.80 8.70
CA ILE C 135 4.68 17.99 8.49
C ILE C 135 4.61 18.83 9.77
N CYS C 136 5.76 18.95 10.45
CA CYS C 136 5.95 19.69 11.71
C CYS C 136 6.48 21.08 11.41
N GLU C 137 7.40 21.18 10.45
CA GLU C 137 8.06 22.46 10.10
C GLU C 137 8.31 22.54 8.60
N ILE C 138 8.35 23.78 8.07
CA ILE C 138 8.88 24.10 6.73
C ILE C 138 9.97 25.16 6.91
N ASN C 139 11.16 24.89 6.36
CA ASN C 139 12.40 25.65 6.60
C ASN C 139 12.39 26.15 8.04
N GLY C 140 12.16 25.27 9.02
CA GLY C 140 12.32 25.58 10.46
C GLY C 140 11.16 26.35 11.05
N GLN C 141 10.17 26.72 10.25
CA GLN C 141 8.92 27.31 10.75
C GLN C 141 7.93 26.18 11.12
N ASN C 142 7.54 26.09 12.40
CA ASN C 142 6.42 25.25 12.90
C ASN C 142 5.16 25.57 12.10
N VAL C 143 4.48 24.56 11.53
CA VAL C 143 3.20 24.82 10.83
C VAL C 143 2.11 23.95 11.45
N ILE C 144 2.28 23.57 12.71
CA ILE C 144 1.33 22.65 13.38
C ILE C 144 0.10 23.45 13.79
N GLY C 145 -1.07 23.11 13.24
CA GLY C 145 -2.33 23.83 13.46
C GLY C 145 -2.76 24.61 12.24
N LEU C 146 -1.81 25.07 11.42
CA LEU C 146 -2.13 25.81 10.17
C LEU C 146 -3.06 24.97 9.29
N LYS C 147 -3.99 25.61 8.58
CA LYS C 147 -4.89 24.95 7.60
C LYS C 147 -4.02 24.35 6.52
N ASP C 148 -4.53 23.37 5.79
CA ASP C 148 -3.84 22.82 4.59
C ASP C 148 -3.52 23.99 3.65
N SER C 149 -4.43 24.96 3.54
CA SER C 149 -4.28 26.08 2.59
C SER C 149 -3.08 26.94 3.03
N GLN C 150 -2.85 27.13 4.32
CA GLN C 150 -1.79 28.04 4.79
C GLN C 150 -0.43 27.37 4.55
N ILE C 151 -0.36 26.07 4.84
CA ILE C 151 0.87 25.25 4.64
C ILE C 151 1.30 25.34 3.18
N ALA C 152 0.34 25.15 2.26
CA ALA C 152 0.53 25.22 0.79
C ALA C 152 1.03 26.60 0.37
N ASP C 153 0.51 27.67 0.98
CA ASP C 153 0.93 29.06 0.65
C ASP C 153 2.39 29.21 1.02
N ILE C 154 2.77 28.72 2.21
CA ILE C 154 4.16 28.79 2.72
C ILE C 154 5.08 28.04 1.76
N LEU C 155 4.62 26.91 1.23
CA LEU C 155 5.43 26.08 0.30
C LEU C 155 5.69 26.87 -0.98
N SER C 156 4.67 27.57 -1.50
CA SER C 156 4.77 28.44 -2.71
C SER C 156 5.86 29.48 -2.51
N THR C 157 5.82 30.17 -1.37
CA THR C 157 6.67 31.36 -1.02
C THR C 157 7.99 30.94 -0.35
N SER C 158 8.24 29.65 -0.14
CA SER C 158 9.61 29.18 0.12
C SER C 158 10.36 29.27 -1.20
N GLY C 159 11.67 29.10 -1.18
CA GLY C 159 12.43 29.19 -2.44
C GLY C 159 12.23 27.96 -3.30
N THR C 160 13.19 27.67 -4.17
CA THR C 160 13.21 26.45 -5.01
C THR C 160 13.73 25.30 -4.15
N VAL C 161 14.46 25.66 -3.09
CA VAL C 161 14.99 24.71 -2.07
C VAL C 161 14.11 24.75 -0.82
N VAL C 162 13.46 23.62 -0.50
CA VAL C 162 12.51 23.43 0.63
C VAL C 162 13.02 22.33 1.57
N THR C 163 13.11 22.60 2.88
CA THR C 163 13.41 21.59 3.92
C THR C 163 12.14 21.30 4.74
N ILE C 164 11.66 20.06 4.77
CA ILE C 164 10.44 19.67 5.54
C ILE C 164 10.87 18.89 6.77
N THR C 165 10.39 19.24 7.96
CA THR C 165 10.67 18.42 9.17
C THR C 165 9.49 17.48 9.34
N ILE C 166 9.73 16.17 9.35
CA ILE C 166 8.62 15.16 9.41
C ILE C 166 8.73 14.27 10.65
N MET C 167 7.56 13.81 11.08
CA MET C 167 7.30 12.90 12.21
C MET C 167 6.39 11.79 11.70
N PRO C 168 6.68 10.51 12.01
CA PRO C 168 5.75 9.43 11.72
C PRO C 168 4.35 9.74 12.32
N ALA C 169 3.31 9.59 11.49
CA ALA C 169 1.92 10.00 11.81
C ALA C 169 1.47 9.48 13.18
N PHE C 170 1.80 8.24 13.53
N PHE C 170 1.76 8.23 13.52
CA PHE C 170 1.31 7.52 14.73
CA PHE C 170 1.28 7.55 14.76
C PHE C 170 1.97 8.12 15.99
C PHE C 170 1.93 8.19 15.99
N ILE C 171 3.15 8.72 15.85
CA ILE C 171 3.87 9.35 17.01
C ILE C 171 3.29 10.76 17.19
N PHE C 172 3.05 11.43 16.06
CA PHE C 172 2.33 12.72 16.03
C PHE C 172 0.97 12.63 16.76
N GLU C 173 0.13 11.68 16.37
CA GLU C 173 -1.24 11.54 16.96
C GLU C 173 -1.09 11.33 18.47
N HIS C 174 -0.11 10.56 18.93
CA HIS C 174 0.07 10.32 20.39
C HIS C 174 0.53 11.62 21.08
N ILE C 175 1.40 12.42 20.44
CA ILE C 175 1.92 13.67 21.07
C ILE C 175 0.76 14.64 21.30
N ILE C 176 -0.13 14.82 20.33
CA ILE C 176 -1.18 15.89 20.37
C ILE C 176 -2.46 15.43 21.11
N LYS C 177 -2.48 14.22 21.70
CA LYS C 177 -3.52 13.78 22.68
C LYS C 177 -3.42 14.65 23.93
N ARG C 178 -4.55 14.80 24.66
CA ARG C 178 -4.70 15.62 25.91
C ARG C 178 -4.71 17.10 25.52
N MET C 179 -5.01 17.38 24.25
CA MET C 179 -4.98 18.76 23.71
C MET C 179 -6.02 18.87 22.60
N ALA C 180 -6.85 19.90 22.68
CA ALA C 180 -7.99 20.19 21.78
C ALA C 180 -7.49 20.93 20.55
N PRO C 181 -7.86 20.53 19.32
CA PRO C 181 -7.38 21.21 18.11
C PRO C 181 -7.55 22.75 18.15
N SER C 182 -8.71 23.23 18.60
CA SER C 182 -9.02 24.67 18.84
C SER C 182 -7.86 25.37 19.55
N ILE C 183 -7.33 24.73 20.61
CA ILE C 183 -6.27 25.27 21.51
C ILE C 183 -4.93 25.25 20.77
N MET C 184 -4.65 24.16 20.07
CA MET C 184 -3.38 23.93 19.34
C MET C 184 -3.25 24.99 18.23
N LYS C 185 -4.30 25.14 17.41
CA LYS C 185 -4.36 26.10 16.26
C LYS C 185 -4.16 27.54 16.77
N SER C 186 -4.72 27.88 17.93
CA SER C 186 -4.71 29.25 18.49
C SER C 186 -3.36 29.63 19.09
N LEU C 187 -2.72 28.72 19.84
CA LEU C 187 -1.59 29.04 20.76
C LEU C 187 -0.24 28.60 20.18
N MET C 188 -0.20 27.75 19.14
CA MET C 188 1.05 27.13 18.66
C MET C 188 1.96 28.17 17.97
N ASP C 189 3.14 28.36 18.54
CA ASP C 189 4.23 29.19 17.98
C ASP C 189 4.37 28.86 16.49
N HIS C 190 4.23 29.85 15.62
CA HIS C 190 4.57 29.78 14.17
C HIS C 190 5.53 30.93 13.83
N THR C 191 6.21 31.47 14.85
CA THR C 191 7.32 32.45 14.79
C THR C 191 8.31 32.09 13.69
N ILE C 192 8.83 33.08 12.98
CA ILE C 192 10.17 32.96 12.31
C ILE C 192 11.13 33.72 13.20
N PRO C 193 12.05 33.02 13.90
CA PRO C 193 12.80 33.66 14.98
C PRO C 193 13.88 34.59 14.40
N GLU C 194 14.55 34.11 13.35
CA GLU C 194 15.67 34.77 12.65
C GLU C 194 15.46 34.58 11.16
N VAL C 195 15.93 35.54 10.36
CA VAL C 195 15.88 35.45 8.88
C VAL C 195 17.31 35.60 8.36
N ILE D 5 -24.58 24.95 -21.48
CA ILE D 5 -26.08 24.86 -21.70
C ILE D 5 -26.46 25.83 -22.83
N LYS D 6 -26.46 25.37 -24.08
CA LYS D 6 -26.95 26.15 -25.26
C LYS D 6 -28.46 26.39 -25.07
N GLN D 7 -28.92 27.60 -25.41
CA GLN D 7 -30.35 27.98 -25.31
C GLN D 7 -30.97 27.93 -26.71
N GLY D 8 -32.30 28.02 -26.79
CA GLY D 8 -33.03 27.68 -28.01
C GLY D 8 -33.04 26.16 -28.18
N ILE D 9 -33.39 25.72 -29.39
CA ILE D 9 -33.87 24.34 -29.69
C ILE D 9 -32.95 23.76 -30.78
N ARG D 10 -32.95 22.46 -31.02
CA ARG D 10 -32.12 21.85 -32.11
C ARG D 10 -32.68 20.48 -32.53
N GLU D 11 -32.63 20.22 -33.85
CA GLU D 11 -32.95 18.91 -34.48
C GLU D 11 -31.75 18.00 -34.24
N VAL D 12 -32.00 16.78 -33.76
CA VAL D 12 -31.04 15.64 -33.86
C VAL D 12 -31.71 14.57 -34.71
N ILE D 13 -30.91 13.84 -35.52
CA ILE D 13 -31.38 12.77 -36.44
C ILE D 13 -30.66 11.47 -36.06
N LEU D 14 -31.43 10.39 -35.89
CA LEU D 14 -30.98 9.12 -35.25
C LEU D 14 -31.46 7.91 -36.05
N CYS D 15 -30.68 6.82 -36.01
CA CYS D 15 -31.00 5.53 -36.66
C CYS D 15 -30.83 4.40 -35.64
N LYS D 16 -31.85 3.54 -35.54
CA LYS D 16 -31.92 2.40 -34.58
C LYS D 16 -30.71 1.52 -34.87
N ASP D 17 -30.12 0.89 -33.86
CA ASP D 17 -29.05 -0.11 -34.10
C ASP D 17 -29.72 -1.39 -34.64
N GLN D 18 -28.96 -2.45 -34.87
CA GLN D 18 -29.45 -3.77 -35.36
C GLN D 18 -30.66 -4.25 -34.53
N ASP D 19 -30.65 -4.02 -33.22
CA ASP D 19 -31.66 -4.53 -32.27
C ASP D 19 -32.93 -3.67 -32.28
N GLY D 20 -32.95 -2.56 -33.03
CA GLY D 20 -34.11 -1.64 -33.11
C GLY D 20 -34.11 -0.59 -32.01
N LYS D 21 -32.98 -0.49 -31.29
CA LYS D 21 -32.79 0.34 -30.09
C LYS D 21 -32.08 1.64 -30.50
N ILE D 22 -32.52 2.77 -29.94
CA ILE D 22 -31.75 4.05 -29.96
C ILE D 22 -30.93 4.22 -28.66
N GLY D 23 -31.28 3.56 -27.55
CA GLY D 23 -30.53 3.65 -26.27
C GLY D 23 -31.02 4.78 -25.35
N LEU D 24 -32.33 5.12 -25.37
CA LEU D 24 -32.99 6.13 -24.51
C LEU D 24 -33.94 5.49 -23.49
N ARG D 25 -34.04 6.11 -22.30
CA ARG D 25 -35.24 6.04 -21.42
C ARG D 25 -35.82 7.43 -21.25
N LEU D 26 -37.14 7.56 -21.40
CA LEU D 26 -37.85 8.86 -21.29
C LEU D 26 -38.70 8.92 -20.01
N LYS D 27 -39.05 10.14 -19.58
CA LYS D 27 -39.87 10.39 -18.36
C LYS D 27 -40.74 11.65 -18.56
N SER D 28 -42.04 11.53 -18.28
CA SER D 28 -43.02 12.64 -18.22
C SER D 28 -42.69 13.53 -17.01
N ILE D 29 -42.57 14.85 -17.21
CA ILE D 29 -42.39 15.82 -16.10
C ILE D 29 -43.11 17.10 -16.50
N ASP D 30 -44.09 17.52 -15.68
CA ASP D 30 -44.80 18.80 -15.84
C ASP D 30 -45.35 18.91 -17.29
N ASN D 31 -45.88 17.79 -17.84
CA ASN D 31 -46.51 17.68 -19.19
C ASN D 31 -45.44 17.89 -20.26
N GLY D 32 -44.20 17.57 -19.89
CA GLY D 32 -43.03 17.60 -20.76
C GLY D 32 -42.46 16.22 -20.85
N ILE D 33 -41.61 15.97 -21.85
CA ILE D 33 -40.88 14.68 -21.91
C ILE D 33 -39.37 14.98 -21.80
N PHE D 34 -38.72 14.23 -20.91
CA PHE D 34 -37.29 14.39 -20.55
C PHE D 34 -36.58 13.03 -20.58
N VAL D 35 -35.32 13.07 -21.01
CA VAL D 35 -34.36 11.93 -21.00
C VAL D 35 -33.97 11.67 -19.54
N GLN D 36 -34.17 10.43 -19.12
CA GLN D 36 -33.85 9.87 -17.78
C GLN D 36 -32.59 9.01 -17.89
N LEU D 37 -32.31 8.46 -19.08
CA LEU D 37 -31.09 7.66 -19.39
C LEU D 37 -30.67 7.77 -20.86
N VAL D 38 -29.37 7.95 -21.07
CA VAL D 38 -28.68 7.72 -22.37
C VAL D 38 -27.73 6.56 -22.12
N GLN D 39 -27.90 5.48 -22.89
CA GLN D 39 -27.04 4.25 -22.85
C GLN D 39 -25.66 4.55 -23.47
N ALA D 40 -24.58 4.19 -22.77
CA ALA D 40 -23.21 4.21 -23.30
C ALA D 40 -23.21 3.49 -24.65
N ASN D 41 -22.51 4.01 -25.66
CA ASN D 41 -22.25 3.31 -26.94
C ASN D 41 -23.57 3.03 -27.61
N SER D 42 -24.42 4.05 -27.67
CA SER D 42 -25.78 3.97 -28.23
C SER D 42 -25.92 4.98 -29.35
N PRO D 43 -26.82 4.76 -30.32
CA PRO D 43 -27.12 5.80 -31.30
C PRO D 43 -27.33 7.17 -30.60
N ALA D 44 -28.08 7.19 -29.50
CA ALA D 44 -28.42 8.38 -28.68
C ALA D 44 -27.14 9.09 -28.18
N SER D 45 -26.18 8.37 -27.57
CA SER D 45 -24.87 8.89 -27.09
C SER D 45 -24.06 9.45 -28.27
N LEU D 46 -23.93 8.66 -29.34
CA LEU D 46 -23.15 9.02 -30.56
C LEU D 46 -23.67 10.33 -31.19
N VAL D 47 -24.93 10.74 -30.98
CA VAL D 47 -25.43 12.03 -31.57
C VAL D 47 -25.54 13.11 -30.49
N GLY D 48 -25.09 12.83 -29.25
CA GLY D 48 -24.91 13.90 -28.24
C GLY D 48 -26.20 14.28 -27.52
N LEU D 49 -27.14 13.34 -27.38
CA LEU D 49 -28.28 13.45 -26.43
C LEU D 49 -27.72 13.19 -25.04
N ARG D 50 -28.28 13.86 -24.05
CA ARG D 50 -27.76 13.79 -22.65
C ARG D 50 -28.88 13.67 -21.63
N PHE D 51 -28.58 13.07 -20.49
CA PHE D 51 -29.45 13.09 -19.30
C PHE D 51 -30.03 14.49 -19.12
N GLY D 52 -31.34 14.57 -18.88
CA GLY D 52 -32.06 15.82 -18.58
C GLY D 52 -32.50 16.61 -19.79
N ASP D 53 -32.13 16.22 -21.01
CA ASP D 53 -32.56 16.93 -22.23
C ASP D 53 -34.08 16.81 -22.30
N GLN D 54 -34.75 17.77 -22.91
CA GLN D 54 -36.22 17.75 -23.12
C GLN D 54 -36.49 17.46 -24.60
N VAL D 55 -37.40 16.51 -24.89
CA VAL D 55 -37.89 16.17 -26.25
C VAL D 55 -39.21 16.93 -26.52
N LEU D 56 -39.15 17.86 -27.46
CA LEU D 56 -40.28 18.74 -27.85
C LEU D 56 -41.15 18.05 -28.91
N GLN D 57 -40.50 17.38 -29.88
CA GLN D 57 -41.18 16.61 -30.93
C GLN D 57 -40.48 15.27 -31.11
N ILE D 58 -41.24 14.30 -31.60
CA ILE D 58 -40.68 13.11 -32.28
C ILE D 58 -41.32 13.05 -33.67
N ASN D 59 -40.44 13.00 -34.69
CA ASN D 59 -40.80 12.95 -36.11
C ASN D 59 -41.95 13.91 -36.36
N GLY D 60 -41.80 15.15 -35.87
CA GLY D 60 -42.75 16.25 -36.13
C GLY D 60 -43.86 16.33 -35.10
N GLU D 61 -44.06 15.28 -34.29
CA GLU D 61 -45.20 15.14 -33.35
C GLU D 61 -44.87 15.76 -31.98
N ASN D 62 -45.68 16.73 -31.54
CA ASN D 62 -45.54 17.40 -30.21
C ASN D 62 -45.59 16.35 -29.10
N CYS D 63 -44.65 16.37 -28.17
CA CYS D 63 -44.58 15.41 -27.04
C CYS D 63 -45.42 15.91 -25.85
N ALA D 64 -45.87 17.15 -25.91
CA ALA D 64 -46.65 17.83 -24.85
C ALA D 64 -47.76 16.92 -24.31
N GLY D 65 -47.56 16.40 -23.09
CA GLY D 65 -48.64 15.75 -22.30
C GLY D 65 -48.59 14.24 -22.41
N TRP D 66 -47.69 13.67 -23.22
CA TRP D 66 -47.54 12.20 -23.32
C TRP D 66 -47.11 11.65 -21.95
N SER D 67 -47.60 10.46 -21.59
CA SER D 67 -47.03 9.68 -20.46
C SER D 67 -45.65 9.20 -20.94
N SER D 68 -44.84 8.64 -20.04
CA SER D 68 -43.58 7.97 -20.40
C SER D 68 -43.92 6.84 -21.36
N ASP D 69 -44.80 5.93 -20.89
CA ASP D 69 -45.36 4.76 -21.63
C ASP D 69 -45.55 5.16 -23.09
N LYS D 70 -46.33 6.23 -23.33
CA LYS D 70 -46.65 6.66 -24.71
C LYS D 70 -45.35 6.99 -25.46
N ALA D 71 -44.50 7.86 -24.92
CA ALA D 71 -43.29 8.32 -25.62
C ALA D 71 -42.48 7.09 -26.02
N HIS D 72 -42.44 6.07 -25.16
CA HIS D 72 -41.73 4.80 -25.42
C HIS D 72 -42.37 4.09 -26.61
N LYS D 73 -43.69 3.97 -26.60
CA LYS D 73 -44.45 3.28 -27.68
C LYS D 73 -44.15 3.98 -29.00
N VAL D 74 -44.30 5.30 -29.03
CA VAL D 74 -44.19 6.15 -30.25
C VAL D 74 -42.78 6.02 -30.86
N LEU D 75 -41.75 5.66 -30.07
CA LEU D 75 -40.36 5.46 -30.57
C LEU D 75 -40.16 4.01 -31.04
N LYS D 76 -40.53 3.04 -30.20
CA LYS D 76 -40.56 1.61 -30.59
C LYS D 76 -41.18 1.47 -31.98
N GLN D 77 -42.37 2.00 -32.24
CA GLN D 77 -43.14 1.77 -33.51
C GLN D 77 -42.74 2.71 -34.66
N ALA D 78 -41.59 3.41 -34.60
CA ALA D 78 -41.13 4.36 -35.63
C ALA D 78 -40.16 3.65 -36.58
N PHE D 79 -40.20 3.94 -37.88
CA PHE D 79 -39.43 3.23 -38.94
C PHE D 79 -37.95 3.64 -38.90
N GLY D 80 -37.10 2.76 -38.33
CA GLY D 80 -35.78 3.06 -37.73
C GLY D 80 -34.84 3.84 -38.62
N GLU D 81 -35.01 3.74 -39.95
CA GLU D 81 -34.09 4.26 -41.00
C GLU D 81 -33.73 5.73 -40.72
N LYS D 82 -34.67 6.59 -40.28
CA LYS D 82 -34.38 7.95 -39.75
C LYS D 82 -35.46 8.42 -38.75
N ILE D 83 -35.07 8.72 -37.50
CA ILE D 83 -35.92 9.36 -36.44
C ILE D 83 -35.40 10.78 -36.19
N THR D 84 -36.24 11.80 -36.36
CA THR D 84 -35.94 13.20 -35.95
C THR D 84 -36.59 13.53 -34.61
N MET D 85 -35.79 14.02 -33.67
CA MET D 85 -36.23 14.61 -32.39
C MET D 85 -35.77 16.07 -32.33
N THR D 86 -36.68 16.96 -31.96
CA THR D 86 -36.43 18.37 -31.62
C THR D 86 -36.13 18.42 -30.10
N ILE D 87 -35.01 19.03 -29.71
CA ILE D 87 -34.40 18.92 -28.34
C ILE D 87 -34.14 20.32 -27.77
N ARG D 88 -34.59 20.56 -26.53
CA ARG D 88 -34.17 21.73 -25.71
C ARG D 88 -33.10 21.25 -24.73
N ASP D 89 -32.00 22.01 -24.61
CA ASP D 89 -30.76 21.58 -23.90
C ASP D 89 -30.96 21.73 -22.39
N ARG D 90 -30.82 20.61 -21.68
CA ARG D 90 -30.77 20.44 -20.19
C ARG D 90 -31.47 21.58 -19.47
N PRO D 91 -32.78 21.70 -19.65
CA PRO D 91 -33.53 22.87 -19.23
C PRO D 91 -33.72 23.05 -17.71
N PHE D 92 -33.59 21.98 -16.93
CA PHE D 92 -33.66 22.00 -15.45
C PHE D 92 -32.28 22.16 -14.83
N GLU D 93 -31.22 22.16 -15.65
CA GLU D 93 -29.80 22.14 -15.19
C GLU D 93 -29.13 23.50 -15.46
N ARG D 94 -28.13 23.85 -14.65
CA ARG D 94 -27.18 24.97 -14.94
C ARG D 94 -25.76 24.54 -14.57
N THR D 95 -24.77 25.29 -15.03
CA THR D 95 -23.34 25.01 -14.79
C THR D 95 -22.71 26.15 -13.99
N ILE D 96 -21.82 25.82 -13.06
CA ILE D 96 -21.08 26.80 -12.22
C ILE D 96 -19.59 26.52 -12.48
N THR D 97 -18.83 27.53 -12.94
CA THR D 97 -17.37 27.41 -13.13
C THR D 97 -16.70 27.84 -11.81
N MET D 98 -15.95 26.92 -11.19
CA MET D 98 -15.06 27.17 -10.03
C MET D 98 -13.60 26.93 -10.43
N HIS D 99 -12.69 27.47 -9.62
CA HIS D 99 -11.23 27.36 -9.73
C HIS D 99 -10.70 26.71 -8.46
N LYS D 100 -9.90 25.67 -8.60
CA LYS D 100 -9.32 24.96 -7.43
C LYS D 100 -8.41 25.91 -6.64
N ASP D 101 -8.36 25.71 -5.33
CA ASP D 101 -7.48 26.51 -4.43
C ASP D 101 -6.08 25.88 -4.45
N SER D 102 -5.19 26.36 -3.58
CA SER D 102 -3.77 25.92 -3.49
C SER D 102 -3.73 24.41 -3.21
N THR D 103 -4.79 23.87 -2.63
CA THR D 103 -4.88 22.45 -2.20
C THR D 103 -5.76 21.61 -3.15
N GLY D 104 -6.05 22.08 -4.36
CA GLY D 104 -6.83 21.37 -5.38
C GLY D 104 -8.34 21.23 -5.09
N HIS D 105 -8.90 22.05 -4.18
CA HIS D 105 -10.34 22.04 -3.78
C HIS D 105 -11.09 23.26 -4.32
N VAL D 106 -12.41 23.13 -4.44
CA VAL D 106 -13.32 24.24 -4.81
C VAL D 106 -14.28 24.57 -3.66
N GLY D 107 -14.38 23.74 -2.63
CA GLY D 107 -15.06 24.11 -1.37
C GLY D 107 -16.56 23.80 -1.34
N PHE D 108 -16.93 22.53 -1.43
CA PHE D 108 -18.28 22.01 -1.09
C PHE D 108 -18.19 20.55 -0.63
N ILE D 109 -19.15 20.14 0.21
CA ILE D 109 -19.40 18.74 0.66
C ILE D 109 -20.61 18.18 -0.09
N PHE D 110 -20.53 16.94 -0.58
CA PHE D 110 -21.70 16.26 -1.16
C PHE D 110 -21.83 14.86 -0.59
N LYS D 111 -23.07 14.37 -0.54
CA LYS D 111 -23.40 12.96 -0.20
C LYS D 111 -24.49 12.49 -1.17
N ASN D 112 -24.33 11.31 -1.74
CA ASN D 112 -25.28 10.71 -2.70
C ASN D 112 -25.37 11.65 -3.90
N GLY D 113 -24.22 12.21 -4.29
CA GLY D 113 -24.12 13.22 -5.37
C GLY D 113 -24.91 14.51 -5.12
N LYS D 114 -25.62 14.64 -4.00
CA LYS D 114 -26.34 15.89 -3.64
C LYS D 114 -25.39 16.79 -2.84
N ILE D 115 -25.35 18.08 -3.14
CA ILE D 115 -24.44 19.05 -2.43
C ILE D 115 -25.09 19.45 -1.10
N THR D 116 -24.36 19.38 0.00
CA THR D 116 -24.91 19.54 1.38
C THR D 116 -24.37 20.77 2.11
N SER D 117 -23.17 21.25 1.84
CA SER D 117 -22.67 22.50 2.49
C SER D 117 -21.68 23.19 1.57
N ILE D 118 -21.60 24.51 1.70
CA ILE D 118 -20.65 25.37 0.95
C ILE D 118 -19.61 25.86 1.96
N VAL D 119 -18.34 25.73 1.61
CA VAL D 119 -17.21 26.14 2.47
C VAL D 119 -17.06 27.66 2.35
N LYS D 120 -16.90 28.33 3.50
CA LYS D 120 -16.57 29.78 3.62
C LYS D 120 -15.39 30.17 2.72
N ASP D 121 -15.59 31.25 1.97
CA ASP D 121 -14.53 32.01 1.25
C ASP D 121 -13.88 31.03 0.26
N SER D 122 -14.66 30.04 -0.18
CA SER D 122 -14.28 29.06 -1.22
C SER D 122 -14.70 29.57 -2.61
N SER D 123 -14.17 28.92 -3.64
CA SER D 123 -14.54 29.18 -5.06
C SER D 123 -16.02 28.86 -5.26
N ALA D 124 -16.52 27.77 -4.66
CA ALA D 124 -17.97 27.44 -4.65
C ALA D 124 -18.76 28.62 -4.09
N ALA D 125 -18.30 29.25 -3.00
CA ALA D 125 -18.92 30.44 -2.37
C ALA D 125 -18.94 31.61 -3.36
N ARG D 126 -17.78 32.05 -3.81
CA ARG D 126 -17.70 33.18 -4.77
C ARG D 126 -18.66 32.96 -5.95
N ASN D 127 -18.83 31.75 -6.45
CA ASN D 127 -19.60 31.49 -7.70
C ASN D 127 -21.02 31.04 -7.37
N GLY D 128 -21.38 31.04 -6.09
CA GLY D 128 -22.79 30.90 -5.64
C GLY D 128 -23.34 29.53 -5.92
N LEU D 129 -22.54 28.49 -5.65
CA LEU D 129 -23.03 27.09 -5.67
C LEU D 129 -24.06 26.91 -4.56
N LEU D 130 -25.11 26.12 -4.81
CA LEU D 130 -26.28 25.95 -3.90
C LEU D 130 -26.27 24.54 -3.31
N THR D 131 -26.89 24.37 -2.15
CA THR D 131 -27.15 23.04 -1.57
C THR D 131 -28.50 22.53 -2.09
N GLU D 132 -28.88 21.32 -1.71
CA GLU D 132 -30.12 20.66 -2.17
C GLU D 132 -30.12 20.69 -3.70
N HIS D 133 -28.94 20.43 -4.27
CA HIS D 133 -28.67 20.37 -5.73
C HIS D 133 -27.83 19.11 -6.03
N ASN D 134 -28.31 18.30 -6.97
CA ASN D 134 -27.64 17.05 -7.40
C ASN D 134 -26.69 17.39 -8.55
N ILE D 135 -25.52 16.73 -8.52
CA ILE D 135 -24.47 16.80 -9.56
C ILE D 135 -24.86 15.86 -10.70
N CYS D 136 -25.06 16.44 -11.87
CA CYS D 136 -25.43 15.73 -13.10
C CYS D 136 -24.19 15.53 -13.98
N GLU D 137 -23.27 16.50 -14.05
CA GLU D 137 -22.08 16.43 -14.96
C GLU D 137 -20.90 17.19 -14.38
N ILE D 138 -19.69 16.77 -14.77
CA ILE D 138 -18.42 17.43 -14.43
C ILE D 138 -17.60 17.65 -15.70
N ASN D 139 -17.34 18.91 -16.03
CA ASN D 139 -16.76 19.35 -17.33
C ASN D 139 -17.50 18.62 -18.46
N GLY D 140 -18.83 18.69 -18.47
CA GLY D 140 -19.71 18.04 -19.46
C GLY D 140 -19.80 16.51 -19.35
N GLN D 141 -18.97 15.85 -18.51
CA GLN D 141 -19.07 14.39 -18.26
C GLN D 141 -20.22 14.05 -17.31
N ASN D 142 -21.16 13.19 -17.75
CA ASN D 142 -22.29 12.63 -16.95
C ASN D 142 -21.68 11.82 -15.81
N VAL D 143 -22.17 11.97 -14.58
CA VAL D 143 -21.71 11.20 -13.38
C VAL D 143 -22.94 10.68 -12.60
N ILE D 144 -24.07 10.58 -13.26
CA ILE D 144 -25.32 10.08 -12.63
C ILE D 144 -25.23 8.57 -12.43
N GLY D 145 -25.34 8.16 -11.17
CA GLY D 145 -25.25 6.74 -10.77
C GLY D 145 -23.85 6.32 -10.33
N LEU D 146 -22.84 7.16 -10.54
CA LEU D 146 -21.48 6.84 -10.03
C LEU D 146 -21.53 6.91 -8.50
N LYS D 147 -20.62 6.23 -7.83
CA LYS D 147 -20.35 6.35 -6.37
C LYS D 147 -19.77 7.74 -6.09
N ASP D 148 -19.96 8.23 -4.86
CA ASP D 148 -19.35 9.49 -4.37
C ASP D 148 -17.84 9.41 -4.54
N SER D 149 -17.23 8.25 -4.28
CA SER D 149 -15.76 8.07 -4.44
C SER D 149 -15.41 8.38 -5.90
N GLN D 150 -16.21 7.86 -6.84
CA GLN D 150 -15.92 8.04 -8.27
C GLN D 150 -16.04 9.54 -8.59
N ILE D 151 -17.04 10.20 -8.00
CA ILE D 151 -17.29 11.64 -8.24
C ILE D 151 -16.06 12.42 -7.72
N ALA D 152 -15.69 12.22 -6.45
CA ALA D 152 -14.40 12.68 -5.87
C ALA D 152 -13.27 12.60 -6.92
N ASP D 153 -12.99 11.38 -7.38
N ASP D 153 -12.97 11.39 -7.40
CA ASP D 153 -11.93 11.01 -8.35
CA ASP D 153 -11.85 11.11 -8.33
C ASP D 153 -11.98 11.98 -9.55
C ASP D 153 -11.96 12.00 -9.57
N ILE D 154 -13.16 12.09 -10.17
CA ILE D 154 -13.36 12.90 -11.42
C ILE D 154 -13.12 14.39 -11.15
N LEU D 155 -13.33 14.86 -9.92
CA LEU D 155 -13.09 16.29 -9.55
C LEU D 155 -11.58 16.56 -9.55
N SER D 156 -10.77 15.73 -8.87
CA SER D 156 -9.29 15.89 -8.85
C SER D 156 -8.75 15.96 -10.30
N THR D 157 -9.11 15.00 -11.16
CA THR D 157 -8.58 14.92 -12.54
C THR D 157 -9.23 15.98 -13.44
N SER D 158 -9.81 17.02 -12.87
CA SER D 158 -10.14 18.21 -13.69
C SER D 158 -8.89 19.09 -13.78
N GLY D 159 -8.78 19.94 -14.82
CA GLY D 159 -7.97 21.17 -14.70
C GLY D 159 -8.34 22.00 -13.46
N THR D 160 -7.45 22.89 -13.01
CA THR D 160 -7.74 24.01 -12.09
C THR D 160 -9.21 24.42 -12.25
N VAL D 161 -9.63 24.65 -13.49
CA VAL D 161 -10.98 25.14 -13.89
C VAL D 161 -11.93 23.94 -13.86
N VAL D 162 -12.93 23.98 -12.97
CA VAL D 162 -13.95 22.91 -12.69
C VAL D 162 -15.37 23.43 -13.01
N THR D 163 -16.00 22.91 -14.06
CA THR D 163 -17.41 23.19 -14.39
C THR D 163 -18.25 22.04 -13.84
N ILE D 164 -19.26 22.32 -13.00
CA ILE D 164 -20.19 21.24 -12.60
C ILE D 164 -21.58 21.63 -13.08
N THR D 165 -22.30 20.65 -13.62
CA THR D 165 -23.71 20.83 -14.04
C THR D 165 -24.59 20.35 -12.88
N ILE D 166 -25.51 21.21 -12.41
CA ILE D 166 -26.37 20.92 -11.22
C ILE D 166 -27.84 21.02 -11.59
N MET D 167 -28.66 20.24 -10.86
CA MET D 167 -30.15 20.20 -10.86
C MET D 167 -30.66 20.37 -9.43
N PRO D 168 -31.70 21.19 -9.20
CA PRO D 168 -32.38 21.20 -7.91
C PRO D 168 -32.80 19.76 -7.56
N ALA D 169 -32.62 19.34 -6.30
CA ALA D 169 -32.77 17.95 -5.81
C ALA D 169 -34.16 17.38 -6.08
N PHE D 170 -35.22 18.16 -5.83
N PHE D 170 -35.20 18.20 -5.90
CA PHE D 170 -36.64 17.73 -5.98
CA PHE D 170 -36.64 17.80 -5.96
C PHE D 170 -36.88 17.29 -7.43
C PHE D 170 -37.03 17.43 -7.41
N ILE D 171 -36.36 18.04 -8.40
CA ILE D 171 -36.53 17.72 -9.84
C ILE D 171 -35.70 16.47 -10.17
N PHE D 172 -34.45 16.39 -9.71
CA PHE D 172 -33.60 15.21 -9.97
C PHE D 172 -34.41 13.98 -9.54
N GLU D 173 -34.87 14.00 -8.29
CA GLU D 173 -35.55 12.88 -7.62
C GLU D 173 -36.71 12.48 -8.51
N HIS D 174 -37.34 13.45 -9.15
CA HIS D 174 -38.52 13.23 -10.01
C HIS D 174 -38.09 12.58 -11.33
N ILE D 175 -36.94 12.98 -11.92
CA ILE D 175 -36.49 12.43 -13.22
C ILE D 175 -36.09 10.97 -13.03
N ILE D 176 -35.33 10.63 -11.99
CA ILE D 176 -34.79 9.24 -11.88
C ILE D 176 -35.86 8.24 -11.34
N LYS D 177 -37.07 8.68 -10.95
CA LYS D 177 -38.15 7.76 -10.50
C LYS D 177 -38.57 6.80 -11.63
N ARG D 178 -38.90 5.55 -11.29
CA ARG D 178 -39.44 4.52 -12.22
C ARG D 178 -38.32 4.03 -13.14
N MET D 179 -37.10 3.94 -12.59
CA MET D 179 -35.87 3.45 -13.25
C MET D 179 -35.11 2.61 -12.23
N ALA D 180 -34.86 1.35 -12.58
CA ALA D 180 -34.12 0.35 -11.79
C ALA D 180 -32.73 0.88 -11.48
N PRO D 181 -32.33 1.01 -10.19
CA PRO D 181 -30.98 1.47 -9.84
C PRO D 181 -29.86 0.75 -10.61
N SER D 182 -30.07 -0.54 -10.89
CA SER D 182 -29.11 -1.42 -11.60
C SER D 182 -28.96 -0.96 -13.06
N ILE D 183 -30.01 -0.37 -13.63
CA ILE D 183 -29.99 0.11 -15.02
C ILE D 183 -29.24 1.46 -15.07
N MET D 184 -29.50 2.33 -14.06
CA MET D 184 -28.87 3.67 -13.92
C MET D 184 -27.36 3.46 -13.77
N LYS D 185 -26.95 2.54 -12.87
CA LYS D 185 -25.54 2.18 -12.58
C LYS D 185 -24.88 1.40 -13.73
N SER D 186 -25.62 0.67 -14.58
CA SER D 186 -24.99 -0.20 -15.62
C SER D 186 -25.08 0.40 -17.03
N LEU D 187 -26.07 1.24 -17.37
CA LEU D 187 -26.29 1.65 -18.78
C LEU D 187 -25.91 3.12 -19.02
N MET D 188 -25.89 3.97 -17.98
CA MET D 188 -25.74 5.45 -18.15
C MET D 188 -24.43 5.78 -18.89
N ASP D 189 -24.56 6.53 -20.00
CA ASP D 189 -23.44 7.21 -20.70
C ASP D 189 -22.58 7.99 -19.70
N HIS D 190 -21.28 7.69 -19.61
CA HIS D 190 -20.25 8.47 -18.88
C HIS D 190 -19.07 8.84 -19.79
N THR D 191 -19.24 8.80 -21.11
CA THR D 191 -18.15 9.09 -22.07
C THR D 191 -17.78 10.58 -21.96
N ILE D 192 -16.58 10.96 -22.41
CA ILE D 192 -16.17 12.37 -22.72
C ILE D 192 -15.58 12.40 -24.12
N PRO D 193 -15.35 13.59 -24.73
CA PRO D 193 -14.89 13.61 -26.13
C PRO D 193 -13.45 13.06 -26.33
N GLU D 194 -12.53 13.39 -25.41
CA GLU D 194 -11.09 13.01 -25.49
C GLU D 194 -10.46 13.17 -24.10
N VAL D 195 -9.40 12.41 -23.82
CA VAL D 195 -8.56 12.63 -22.61
C VAL D 195 -7.48 13.66 -22.97
C1 EDO E . 3.91 3.05 10.27
O1 EDO E . 3.49 2.59 8.99
C2 EDO E . 4.64 1.99 11.02
O2 EDO E . 5.73 1.46 10.32
C1 EDO F . 2.28 -45.78 -2.89
O1 EDO F . 2.91 -44.56 -3.16
C2 EDO F . 3.25 -46.78 -2.44
O2 EDO F . 4.28 -46.20 -1.64
C1 EDO G . -0.53 -26.04 -13.84
O1 EDO G . -1.75 -26.00 -14.55
C2 EDO G . 0.67 -26.17 -14.73
O2 EDO G . 1.06 -27.52 -15.00
N DGL H . 4.94 -39.75 7.60
CA DGL H . 3.95 -39.10 6.69
C DGL H . 4.65 -37.95 5.93
O DGL H . 5.66 -37.42 6.41
CB DGL H . 3.34 -40.15 5.74
CG DGL H . 4.36 -40.76 4.79
CD DGL H . 3.93 -42.01 4.04
OE1 DGL H . 2.77 -42.46 4.20
OE2 DGL H . 4.76 -42.53 3.30
OXT DGL H . 4.19 -37.55 4.86
C10 RZG I . -0.12 22.25 -2.26
C01 RZG I . -2.93 19.75 0.01
C03 RZG I . -1.17 20.08 -1.53
C05 RZG I . -0.01 20.88 -2.07
C06 RZG I . 1.18 20.24 -2.34
C07 RZG I . 2.25 20.95 -2.82
C08 RZG I . 2.14 22.31 -3.03
C09 RZG I . 0.96 22.98 -2.75
N14 RZG I . 3.55 24.84 -3.36
O02 RZG I . -2.00 20.62 -0.54
O04 RZG I . -1.37 18.99 -1.95
O12 RZG I . 3.80 22.82 -5.08
O13 RZG I . 4.80 22.56 -3.10
S11 RZG I . 3.59 23.16 -3.67
C1 EDO J . 9.95 28.06 15.48
O1 EDO J . 10.50 27.14 14.54
C2 EDO J . 8.48 28.27 15.31
O2 EDO J . 8.03 28.14 13.95
C1 EDO K . 3.37 5.92 20.03
O1 EDO K . 4.08 7.13 20.15
C2 EDO K . 4.10 4.74 20.58
O2 EDO K . 4.45 4.81 21.97
C1 EDO L . 12.09 8.02 13.64
O1 EDO L . 11.80 8.96 12.58
C2 EDO L . 12.07 8.53 15.06
O2 EDO L . 13.07 8.02 15.97
S SO4 M . 18.96 10.30 9.38
O1 SO4 M . 19.52 10.77 10.62
O2 SO4 M . 19.65 9.12 8.96
O3 SO4 M . 17.56 10.01 9.56
O4 SO4 M . 19.11 11.31 8.36
N GLY N . 1.12 8.49 31.67
CA GLY N . -0.07 9.27 31.13
C GLY N . 0.19 10.77 31.15
O GLY N . 0.41 11.39 32.22
OXT GLY N . 0.19 11.40 30.07
C10 RZG O . -21.83 13.50 -29.91
C01 RZG O . -24.03 15.40 -33.10
C03 RZG O . -22.58 15.54 -31.20
C05 RZG O . -21.77 14.88 -30.08
C06 RZG O . -20.98 15.65 -29.25
C07 RZG O . -20.24 15.04 -28.24
C08 RZG O . -20.30 13.66 -28.06
C09 RZG O . -21.10 12.88 -28.90
N14 RZG O . -18.89 11.31 -27.10
O02 RZG O . -23.18 14.75 -32.19
O04 RZG O . -22.69 16.73 -31.22
O12 RZG O . -20.12 12.96 -25.47
O13 RZG O . -18.18 13.74 -26.41
S11 RZG O . -19.34 12.91 -26.73
C1 EDO P . -21.82 13.02 -22.17
O1 EDO P . -22.05 14.24 -21.48
C2 EDO P . -21.88 11.87 -21.26
O2 EDO P . -21.02 11.99 -20.16
C1 EDO Q . -42.47 18.93 -10.09
O1 EDO Q . -42.93 18.30 -11.26
C2 EDO Q . -41.13 18.51 -9.68
O2 EDO Q . -40.26 18.14 -10.72
S SO4 R . -12.80 31.66 -8.17
O1 SO4 R . -13.52 32.77 -7.60
O2 SO4 R . -12.60 30.66 -7.16
O3 SO4 R . -13.57 31.11 -9.26
O4 SO4 R . -11.50 32.10 -8.65
S SO4 S . -21.98 6.77 -3.01
O1 SO4 S . -22.91 6.88 -1.92
O2 SO4 S . -20.62 6.86 -2.51
O3 SO4 S . -22.21 7.83 -3.95
O4 SO4 S . -22.16 5.51 -3.68
S SO4 T . -39.23 1.36 -20.71
O1 SO4 T . -39.72 0.25 -19.95
O2 SO4 T . -38.82 2.41 -19.80
O3 SO4 T . -40.27 1.84 -21.56
O4 SO4 T . -38.10 0.97 -21.50
N ALA U . -15.02 18.18 -1.46
CA ALA U . -13.88 18.20 -2.45
C ALA U . -13.76 19.58 -3.11
O ALA U . -13.93 20.62 -2.45
CB ALA U . -14.08 17.09 -3.47
OXT ALA U . -13.46 19.74 -4.30
N DGL V . -47.55 9.51 -15.31
CA DGL V . -46.25 8.91 -14.86
C DGL V . -45.30 8.84 -16.07
O DGL V . -44.05 8.81 -15.89
CB DGL V . -45.66 9.71 -13.70
CG DGL V . -45.23 11.13 -14.07
CD DGL V . -44.89 12.04 -12.90
OE1 DGL V . -44.21 11.59 -11.94
OE2 DGL V . -45.30 13.21 -12.96
OXT DGL V . -45.83 8.82 -17.24
N GLY W . -48.65 14.71 -17.47
CA GLY W . -48.54 13.89 -18.72
C GLY W . -49.07 12.47 -18.54
O GLY W . -48.66 11.76 -17.63
OXT GLY W . -49.89 12.00 -19.32
#